data_4HZE
#
_entry.id   4HZE
#
_cell.length_a   127.736
_cell.length_b   127.736
_cell.length_c   159.111
_cell.angle_alpha   90.000
_cell.angle_beta   90.000
_cell.angle_gamma   90.000
#
_symmetry.space_group_name_H-M   'P 42 21 2'
#
loop_
_entity.id
_entity.type
_entity.pdbx_description
1 polymer 'Arginase-2, mitochondrial'
2 non-polymer 'MANGANESE (II) ION'
3 non-polymer BENZAMIDINE
4 non-polymer BETA-MERCAPTOETHANOL
5 non-polymer [(5R)-5-amino-5-carboxy-7-(piperidin-1-yl)heptyl](trihydroxy)borate(1-)
6 water water
#
_entity_poly.entity_id   1
_entity_poly.type   'polypeptide(L)'
_entity_poly.pdbx_seq_one_letter_code
;HSVAVIGAPFSQGQKRKGVEHGPAAIREAGLMKRLSSLGCHLKDFGDLSFTPVPKDDLYNNLIVNPRSVGLANQELAEVV
SRAVSDGYSCVTLGGDHSLAIGTISGHARHCPDLCVVWVDAHADINTPLTTSSGNLHGQPVSFLLRELQDKVPQLPGFSW
IKPCISSASIVYIGLRDVDPPEHFILKNYDIQYFSMRDIDRLGIQKVMERTFDLLIGKRQRPIHLSFDIDAFDPTLAPAT
GTPVVGGLTYREGMYIAEEIHNTGLLSALDLVEVNPQLATSEEEAKTTANLAVDVIASSFGQTREG
;
_entity_poly.pdbx_strand_id   A,B,C
#
loop_
_chem_comp.id
_chem_comp.type
_chem_comp.name
_chem_comp.formula
BEN non-polymer BENZAMIDINE 'C7 H8 N2'
BME non-polymer BETA-MERCAPTOETHANOL 'C2 H6 O S'
MN non-polymer 'MANGANESE (II) ION' 'Mn 2'
X7A non-polymer [(5R)-5-amino-5-carboxy-7-(piperidin-1-yl)heptyl](trihydroxy)borate(1-) 'C13 H28 B N2 O5 -1'
#
# COMPACT_ATOMS: atom_id res chain seq x y z
N HIS A 1 -34.70 -1.19 -7.65
CA HIS A 1 -34.00 -0.91 -6.41
C HIS A 1 -33.98 0.59 -6.15
N SER A 2 -34.40 0.98 -4.95
CA SER A 2 -34.57 2.38 -4.63
C SER A 2 -33.64 2.81 -3.51
N VAL A 3 -33.07 4.00 -3.67
CA VAL A 3 -32.14 4.56 -2.69
C VAL A 3 -32.60 5.97 -2.33
N ALA A 4 -32.70 6.23 -1.03
CA ALA A 4 -32.96 7.57 -0.52
C ALA A 4 -31.64 8.19 -0.11
N VAL A 5 -31.46 9.47 -0.38
CA VAL A 5 -30.26 10.17 0.03
C VAL A 5 -30.67 11.29 0.95
N ILE A 6 -30.10 11.29 2.15
CA ILE A 6 -30.42 12.31 3.15
C ILE A 6 -29.14 13.01 3.53
N GLY A 7 -29.12 14.34 3.39
CA GLY A 7 -28.01 15.09 3.93
C GLY A 7 -28.25 15.44 5.39
N ALA A 8 -27.31 15.09 6.26
CA ALA A 8 -27.43 15.40 7.69
C ALA A 8 -26.23 16.22 8.14
N PRO A 9 -26.32 17.53 8.00
CA PRO A 9 -25.13 18.36 8.32
C PRO A 9 -24.88 18.53 9.84
N PHE A 10 -24.70 17.43 10.55
CA PHE A 10 -24.39 17.46 11.99
C PHE A 10 -22.98 17.98 12.19
N SER A 11 -22.78 18.95 13.07
CA SER A 11 -21.43 19.24 13.52
C SER A 11 -21.29 19.27 15.03
N GLN A 12 -22.42 19.21 15.76
CA GLN A 12 -22.38 19.42 17.20
CA GLN A 12 -22.38 19.42 17.20
C GLN A 12 -22.01 18.17 18.02
N GLY A 13 -21.75 17.07 17.32
CA GLY A 13 -21.18 15.89 17.96
C GLY A 13 -19.68 16.01 18.22
N GLN A 14 -19.08 17.12 17.81
CA GLN A 14 -17.66 17.34 17.98
C GLN A 14 -17.37 18.84 17.93
N LYS A 15 -16.09 19.22 17.92
CA LYS A 15 -15.75 20.63 18.14
C LYS A 15 -15.16 21.35 16.93
N ARG A 16 -14.82 20.61 15.87
CA ARG A 16 -14.18 21.20 14.69
C ARG A 16 -15.19 21.71 13.69
N LYS A 17 -15.04 22.97 13.28
CA LYS A 17 -15.95 23.53 12.28
C LYS A 17 -15.71 22.91 10.91
N GLY A 18 -16.80 22.71 10.17
CA GLY A 18 -16.72 22.43 8.75
C GLY A 18 -17.35 21.12 8.31
N VAL A 19 -17.53 20.20 9.25
CA VAL A 19 -18.03 18.87 8.89
C VAL A 19 -19.50 18.94 8.44
N GLU A 20 -20.19 20.03 8.79
CA GLU A 20 -21.54 20.25 8.28
C GLU A 20 -21.58 20.45 6.77
N HIS A 21 -20.42 20.69 6.16
CA HIS A 21 -20.35 20.89 4.71
C HIS A 21 -20.01 19.59 3.97
N GLY A 22 -19.85 18.49 4.72
CA GLY A 22 -19.63 17.20 4.11
C GLY A 22 -20.69 16.77 3.10
N PRO A 23 -21.97 16.93 3.43
CA PRO A 23 -22.98 16.46 2.47
C PRO A 23 -22.89 17.16 1.12
N ALA A 24 -22.74 18.48 1.13
CA ALA A 24 -22.62 19.23 -0.11
C ALA A 24 -21.38 18.80 -0.89
N ALA A 25 -20.29 18.52 -0.18
CA ALA A 25 -19.05 18.13 -0.85
C ALA A 25 -19.22 16.78 -1.55
N ILE A 26 -19.89 15.86 -0.87
CA ILE A 26 -20.10 14.53 -1.45
C ILE A 26 -21.02 14.63 -2.66
N ARG A 27 -22.06 15.45 -2.56
CA ARG A 27 -22.96 15.65 -3.71
C ARG A 27 -22.21 16.27 -4.88
N GLU A 28 -21.37 17.26 -4.60
CA GLU A 28 -20.62 17.96 -5.65
CA GLU A 28 -20.67 17.95 -5.69
C GLU A 28 -19.66 17.00 -6.34
N ALA A 29 -19.25 15.97 -5.62
CA ALA A 29 -18.36 14.95 -6.19
C ALA A 29 -19.09 13.93 -7.08
N GLY A 30 -20.38 14.14 -7.33
CA GLY A 30 -21.09 13.37 -8.32
C GLY A 30 -21.88 12.16 -7.82
N LEU A 31 -22.22 12.16 -6.54
CA LEU A 31 -22.92 11.00 -5.94
C LEU A 31 -24.18 10.57 -6.69
N MET A 32 -25.08 11.52 -6.99
CA MET A 32 -26.36 11.13 -7.54
C MET A 32 -26.24 10.49 -8.92
N LYS A 33 -25.40 11.06 -9.79
CA LYS A 33 -25.20 10.48 -11.11
C LYS A 33 -24.64 9.06 -11.00
N ARG A 34 -23.72 8.86 -10.06
CA ARG A 34 -23.08 7.55 -9.91
C ARG A 34 -24.09 6.50 -9.50
N LEU A 35 -24.99 6.85 -8.58
CA LEU A 35 -26.02 5.93 -8.16
C LEU A 35 -27.04 5.67 -9.25
N SER A 36 -27.45 6.71 -9.97
CA SER A 36 -28.39 6.53 -11.06
CA SER A 36 -28.38 6.54 -11.08
C SER A 36 -27.82 5.58 -12.10
N SER A 37 -26.55 5.76 -12.44
CA SER A 37 -25.91 4.92 -13.45
CA SER A 37 -25.90 4.92 -13.44
C SER A 37 -25.94 3.44 -13.11
N LEU A 38 -25.99 3.12 -11.82
CA LEU A 38 -26.01 1.73 -11.39
C LEU A 38 -27.40 1.13 -11.47
N GLY A 39 -28.39 1.98 -11.71
CA GLY A 39 -29.76 1.52 -11.82
C GLY A 39 -30.60 1.83 -10.60
N CYS A 40 -30.07 2.65 -9.70
CA CYS A 40 -30.81 3.04 -8.51
C CYS A 40 -31.86 4.10 -8.80
N HIS A 41 -33.10 3.84 -8.40
CA HIS A 41 -34.14 4.86 -8.40
C HIS A 41 -33.95 5.72 -7.16
N LEU A 42 -33.85 7.03 -7.34
CA LEU A 42 -33.42 7.92 -6.26
C LEU A 42 -34.53 8.80 -5.72
N LYS A 43 -34.54 8.97 -4.40
CA LYS A 43 -35.33 10.01 -3.75
C LYS A 43 -34.36 10.84 -2.93
N ASP A 44 -34.18 12.09 -3.34
CA ASP A 44 -33.28 12.99 -2.64
C ASP A 44 -34.08 13.78 -1.62
N PHE A 45 -33.76 13.61 -0.34
CA PHE A 45 -34.44 14.34 0.73
C PHE A 45 -33.78 15.71 0.98
N GLY A 46 -32.70 15.99 0.27
CA GLY A 46 -31.95 17.23 0.46
C GLY A 46 -31.13 17.22 1.74
N ASP A 47 -30.61 18.39 2.12
CA ASP A 47 -29.96 18.56 3.40
C ASP A 47 -30.98 18.99 4.43
N LEU A 48 -31.10 18.23 5.52
CA LEU A 48 -32.07 18.56 6.56
C LEU A 48 -31.65 19.78 7.38
N SER A 49 -32.65 20.51 7.87
CA SER A 49 -32.40 21.60 8.80
C SER A 49 -32.91 21.15 10.15
N PHE A 50 -32.03 21.04 11.12
CA PHE A 50 -32.43 20.50 12.41
C PHE A 50 -32.85 21.60 13.37
N THR A 51 -33.77 21.26 14.26
CA THR A 51 -34.32 22.23 15.19
C THR A 51 -33.30 22.51 16.30
N PRO A 52 -32.95 23.78 16.49
CA PRO A 52 -32.00 24.08 17.58
C PRO A 52 -32.67 24.01 18.94
N VAL A 53 -31.85 23.86 19.98
CA VAL A 53 -32.32 23.83 21.35
C VAL A 53 -31.68 24.99 22.13
N PRO A 54 -32.50 25.87 22.71
CA PRO A 54 -31.92 27.00 23.44
C PRO A 54 -31.22 26.58 24.72
N LYS A 55 -30.14 27.27 25.07
CA LYS A 55 -29.43 27.04 26.34
C LYS A 55 -29.02 25.58 26.50
N ASP A 56 -28.41 25.03 25.46
CA ASP A 56 -28.02 23.63 25.50
C ASP A 56 -26.69 23.50 26.23
N ASP A 57 -26.75 23.66 27.54
CA ASP A 57 -25.55 23.67 28.37
C ASP A 57 -24.89 22.30 28.42
N LEU A 58 -23.59 22.28 28.73
CA LEU A 58 -22.87 21.03 28.89
C LEU A 58 -23.61 20.11 29.86
N TYR A 59 -23.56 18.81 29.59
CA TYR A 59 -24.04 17.83 30.55
C TYR A 59 -22.87 17.39 31.42
N ASN A 60 -23.04 17.47 32.72
CA ASN A 60 -22.03 17.09 33.65
C ASN A 60 -20.69 17.81 33.42
N ASN A 61 -20.76 19.15 33.00
CA ASN A 61 -19.57 19.99 32.73
C ASN A 61 -18.63 19.35 31.73
N LEU A 62 -19.16 18.46 30.85
CA LEU A 62 -18.27 17.72 29.93
C LEU A 62 -18.94 17.54 28.58
N ILE A 63 -20.07 16.86 28.56
CA ILE A 63 -20.66 16.39 27.29
C ILE A 63 -21.25 17.58 26.55
N VAL A 64 -20.76 17.83 25.35
CA VAL A 64 -21.13 19.05 24.65
C VAL A 64 -22.37 18.87 23.75
N ASN A 65 -23.20 19.91 23.74
CA ASN A 65 -24.40 19.97 22.91
C ASN A 65 -25.34 18.75 23.03
N PRO A 66 -25.61 18.26 24.26
CA PRO A 66 -26.39 17.01 24.36
C PRO A 66 -27.82 17.15 23.82
N ARG A 67 -28.53 18.23 24.16
CA ARG A 67 -29.92 18.31 23.69
C ARG A 67 -30.00 18.54 22.19
N SER A 68 -29.04 19.29 21.64
CA SER A 68 -29.01 19.57 20.21
C SER A 68 -28.76 18.29 19.42
N VAL A 69 -27.78 17.51 19.88
CA VAL A 69 -27.48 16.22 19.24
C VAL A 69 -28.64 15.25 19.43
N GLY A 70 -29.23 15.23 20.63
CA GLY A 70 -30.39 14.40 20.87
C GLY A 70 -31.57 14.68 19.95
N LEU A 71 -31.91 15.97 19.82
CA LEU A 71 -33.08 16.35 19.03
C LEU A 71 -32.81 16.20 17.53
N ALA A 72 -31.62 16.56 17.07
CA ALA A 72 -31.28 16.39 15.67
C ALA A 72 -31.39 14.92 15.31
N ASN A 73 -30.91 14.06 16.20
CA ASN A 73 -31.01 12.61 15.96
C ASN A 73 -32.45 12.10 15.99
N GLN A 74 -33.27 12.65 16.89
CA GLN A 74 -34.68 12.27 16.92
C GLN A 74 -35.35 12.63 15.60
N GLU A 75 -35.06 13.83 15.11
CA GLU A 75 -35.64 14.29 13.85
C GLU A 75 -35.13 13.46 12.67
N LEU A 76 -33.84 13.16 12.68
CA LEU A 76 -33.24 12.34 11.63
C LEU A 76 -33.83 10.94 11.62
N ALA A 77 -34.05 10.37 12.80
CA ALA A 77 -34.59 9.03 12.90
C ALA A 77 -35.98 8.95 12.26
N GLU A 78 -36.76 10.00 12.44
CA GLU A 78 -38.08 10.05 11.80
C GLU A 78 -37.99 9.98 10.27
N VAL A 79 -37.03 10.71 9.69
CA VAL A 79 -36.87 10.72 8.24
C VAL A 79 -36.36 9.38 7.74
N VAL A 80 -35.37 8.82 8.44
CA VAL A 80 -34.80 7.53 8.07
C VAL A 80 -35.85 6.42 8.15
N SER A 81 -36.64 6.43 9.23
CA SER A 81 -37.69 5.42 9.40
C SER A 81 -38.73 5.50 8.28
N ARG A 82 -39.10 6.72 7.91
CA ARG A 82 -40.07 6.88 6.83
C ARG A 82 -39.50 6.38 5.51
N ALA A 83 -38.25 6.72 5.22
CA ALA A 83 -37.61 6.27 3.98
C ALA A 83 -37.53 4.75 3.89
N VAL A 84 -37.06 4.13 4.97
CA VAL A 84 -36.93 2.68 4.98
C VAL A 84 -38.30 2.01 4.89
N SER A 85 -39.28 2.56 5.61
CA SER A 85 -40.63 1.99 5.56
C SER A 85 -41.23 2.09 4.16
N ASP A 86 -40.82 3.11 3.39
CA ASP A 86 -41.31 3.30 2.04
C ASP A 86 -40.55 2.47 1.01
N GLY A 87 -39.57 1.69 1.48
CA GLY A 87 -38.87 0.74 0.63
C GLY A 87 -37.51 1.16 0.12
N TYR A 88 -36.99 2.28 0.64
CA TYR A 88 -35.69 2.78 0.18
C TYR A 88 -34.56 2.23 1.04
N SER A 89 -33.44 1.89 0.40
CA SER A 89 -32.18 1.75 1.12
C SER A 89 -31.76 3.17 1.40
N CYS A 90 -31.41 3.48 2.64
CA CYS A 90 -31.23 4.85 3.05
C CYS A 90 -29.77 5.25 3.22
N VAL A 91 -29.31 6.16 2.35
CA VAL A 91 -27.96 6.71 2.45
C VAL A 91 -28.01 8.05 3.17
N THR A 92 -27.28 8.17 4.28
CA THR A 92 -27.20 9.40 5.02
C THR A 92 -25.78 9.95 4.94
N LEU A 93 -25.66 11.18 4.47
CA LEU A 93 -24.37 11.83 4.36
C LEU A 93 -24.13 12.74 5.55
N GLY A 94 -23.00 12.56 6.22
CA GLY A 94 -22.63 13.44 7.32
C GLY A 94 -21.67 14.55 6.91
N GLY A 95 -21.34 15.44 7.85
CA GLY A 95 -21.85 15.36 9.21
C GLY A 95 -21.02 14.46 10.11
N ASP A 96 -20.99 14.75 11.40
CA ASP A 96 -20.20 13.93 12.31
C ASP A 96 -20.91 12.65 12.71
N HIS A 97 -20.15 11.71 13.27
CA HIS A 97 -20.66 10.36 13.50
C HIS A 97 -21.75 10.24 14.56
N SER A 98 -22.03 11.30 15.32
CA SER A 98 -23.13 11.22 16.28
C SER A 98 -24.46 10.98 15.58
N LEU A 99 -24.51 11.28 14.28
CA LEU A 99 -25.72 11.10 13.49
C LEU A 99 -26.14 9.63 13.37
N ALA A 100 -25.22 8.70 13.65
CA ALA A 100 -25.56 7.28 13.57
C ALA A 100 -26.52 6.91 14.67
N ILE A 101 -26.59 7.71 15.73
CA ILE A 101 -27.62 7.48 16.75
C ILE A 101 -29.00 7.56 16.09
N GLY A 102 -29.18 8.60 15.27
CA GLY A 102 -30.44 8.78 14.57
C GLY A 102 -30.66 7.82 13.41
N THR A 103 -29.63 7.56 12.62
CA THR A 103 -29.86 6.69 11.47
C THR A 103 -30.10 5.25 11.88
N ILE A 104 -29.34 4.76 12.86
CA ILE A 104 -29.53 3.39 13.30
C ILE A 104 -30.86 3.25 14.07
N SER A 105 -31.18 4.24 14.90
CA SER A 105 -32.49 4.20 15.59
C SER A 105 -33.64 4.21 14.59
N GLY A 106 -33.55 5.07 13.58
CA GLY A 106 -34.59 5.17 12.56
C GLY A 106 -34.70 3.94 11.69
N HIS A 107 -33.55 3.36 11.34
CA HIS A 107 -33.50 2.13 10.56
C HIS A 107 -34.14 0.99 11.35
N ALA A 108 -33.74 0.86 12.61
CA ALA A 108 -34.24 -0.20 13.49
C ALA A 108 -35.73 -0.05 13.75
N ARG A 109 -36.22 1.17 13.68
CA ARG A 109 -37.65 1.43 13.88
C ARG A 109 -38.47 0.65 12.84
N HIS A 110 -37.92 0.48 11.64
CA HIS A 110 -38.61 -0.32 10.64
C HIS A 110 -38.08 -1.75 10.53
N CYS A 111 -36.80 -1.92 10.87
CA CYS A 111 -36.10 -3.20 10.68
C CYS A 111 -35.42 -3.61 11.97
N PRO A 112 -36.18 -4.17 12.92
CA PRO A 112 -35.61 -4.38 14.26
C PRO A 112 -34.51 -5.42 14.32
N ASP A 113 -34.43 -6.32 13.33
CA ASP A 113 -33.42 -7.37 13.36
C ASP A 113 -32.19 -6.98 12.54
N LEU A 114 -31.99 -5.69 12.32
CA LEU A 114 -30.82 -5.26 11.56
C LEU A 114 -29.50 -5.61 12.27
N CYS A 115 -28.42 -5.63 11.49
CA CYS A 115 -27.09 -5.78 12.05
C CYS A 115 -26.25 -4.64 11.50
N VAL A 116 -25.12 -4.39 12.14
CA VAL A 116 -24.34 -3.19 11.86
C VAL A 116 -22.91 -3.57 11.55
N VAL A 117 -22.41 -3.07 10.43
CA VAL A 117 -20.99 -3.10 10.14
C VAL A 117 -20.46 -1.68 10.28
N TRP A 118 -19.52 -1.50 11.21
CA TRP A 118 -19.03 -0.19 11.61
C TRP A 118 -17.58 -0.09 11.15
N VAL A 119 -17.35 0.72 10.11
CA VAL A 119 -16.01 0.82 9.51
C VAL A 119 -15.41 2.15 9.92
N ASP A 120 -14.29 2.10 10.65
CA ASP A 120 -13.83 3.26 11.41
C ASP A 120 -12.46 2.99 11.98
N ALA A 121 -11.65 4.04 12.12
CA ALA A 121 -10.43 3.94 12.90
C ALA A 121 -10.72 3.80 14.40
N HIS A 122 -11.92 4.21 14.78
CA HIS A 122 -12.33 4.37 16.19
C HIS A 122 -13.52 3.48 16.50
N ALA A 123 -13.67 3.10 17.77
CA ALA A 123 -14.80 2.26 18.18
C ALA A 123 -16.06 3.06 18.50
N ASP A 124 -15.91 4.35 18.78
CA ASP A 124 -17.07 5.22 18.98
C ASP A 124 -18.02 4.67 20.05
N ILE A 125 -17.46 4.06 21.09
CA ILE A 125 -18.25 3.30 22.05
C ILE A 125 -18.02 3.79 23.49
N ASN A 126 -17.37 4.95 23.63
CA ASN A 126 -17.36 5.58 24.95
C ASN A 126 -18.78 5.85 25.40
N THR A 127 -18.96 5.88 26.72
CA THR A 127 -20.23 6.32 27.30
C THR A 127 -20.01 7.73 27.86
N PRO A 128 -21.09 8.39 28.30
CA PRO A 128 -20.90 9.68 28.98
C PRO A 128 -20.04 9.59 30.25
N LEU A 129 -19.85 8.38 30.77
CA LEU A 129 -19.00 8.20 31.96
C LEU A 129 -17.56 7.83 31.63
N THR A 130 -17.27 7.50 30.37
CA THR A 130 -15.90 7.12 30.02
C THR A 130 -15.21 8.08 29.05
N THR A 131 -15.99 8.86 28.32
CA THR A 131 -15.42 9.79 27.34
C THR A 131 -14.45 10.76 28.01
N SER A 132 -13.31 10.99 27.37
CA SER A 132 -12.38 12.01 27.87
C SER A 132 -12.48 13.29 27.07
N SER A 133 -13.25 13.29 25.99
CA SER A 133 -13.38 14.45 25.12
C SER A 133 -14.69 15.19 25.34
N GLY A 134 -15.72 14.44 25.72
CA GLY A 134 -17.06 15.00 25.83
C GLY A 134 -17.79 15.08 24.49
N ASN A 135 -17.16 14.60 23.43
CA ASN A 135 -17.75 14.71 22.11
C ASN A 135 -18.64 13.53 21.75
N LEU A 136 -19.89 13.79 21.44
CA LEU A 136 -20.85 12.71 21.22
C LEU A 136 -20.54 11.84 20.00
N HIS A 137 -19.75 12.34 19.05
CA HIS A 137 -19.37 11.49 17.92
C HIS A 137 -18.41 10.35 18.27
N GLY A 138 -17.94 10.29 19.51
CA GLY A 138 -17.08 9.21 19.95
C GLY A 138 -17.78 8.32 20.94
N GLN A 139 -19.11 8.52 21.02
CA GLN A 139 -20.00 7.76 21.90
C GLN A 139 -21.22 7.07 21.25
N PRO A 140 -21.51 7.26 19.97
CA PRO A 140 -22.82 6.79 19.50
C PRO A 140 -23.18 5.34 19.77
N VAL A 141 -22.22 4.44 19.70
CA VAL A 141 -22.55 3.03 19.86
C VAL A 141 -23.04 2.72 21.28
N SER A 142 -22.57 3.46 22.29
CA SER A 142 -23.01 3.21 23.66
C SER A 142 -24.51 3.44 23.85
N PHE A 143 -25.10 4.29 23.03
CA PHE A 143 -26.53 4.60 23.18
C PHE A 143 -27.40 3.57 22.49
N LEU A 144 -26.79 2.70 21.69
CA LEU A 144 -27.53 1.83 20.79
C LEU A 144 -27.54 0.37 21.22
N LEU A 145 -26.56 -0.04 22.03
CA LEU A 145 -26.39 -1.45 22.35
C LEU A 145 -27.12 -1.81 23.64
N ARG A 146 -28.00 -2.81 23.56
CA ARG A 146 -28.83 -3.14 24.72
C ARG A 146 -28.05 -3.50 25.99
N GLU A 147 -27.00 -4.29 25.86
CA GLU A 147 -26.25 -4.80 27.01
C GLU A 147 -25.51 -3.72 27.80
N LEU A 148 -25.32 -2.55 27.19
CA LEU A 148 -24.54 -1.49 27.83
C LEU A 148 -25.36 -0.52 28.66
N GLN A 149 -26.69 -0.62 28.58
CA GLN A 149 -27.53 0.47 29.10
CA GLN A 149 -27.54 0.46 29.09
C GLN A 149 -27.48 0.70 30.60
N ASP A 150 -27.19 -0.33 31.38
CA ASP A 150 -27.09 -0.11 32.82
C ASP A 150 -25.84 0.70 33.19
N LYS A 151 -25.01 1.00 32.20
CA LYS A 151 -23.78 1.78 32.39
C LYS A 151 -23.84 3.13 31.68
N VAL A 152 -24.96 3.40 31.02
CA VAL A 152 -25.11 4.65 30.28
C VAL A 152 -26.15 5.54 30.95
N PRO A 153 -25.72 6.69 31.50
CA PRO A 153 -26.70 7.58 32.13
C PRO A 153 -27.63 8.22 31.11
N GLN A 154 -28.75 8.77 31.59
CA GLN A 154 -29.73 9.39 30.71
C GLN A 154 -29.35 10.85 30.45
N LEU A 155 -29.06 11.17 29.19
CA LEU A 155 -28.72 12.54 28.82
C LEU A 155 -29.98 13.31 28.45
N PRO A 156 -29.98 14.62 28.68
CA PRO A 156 -31.13 15.41 28.23
C PRO A 156 -31.22 15.38 26.72
N GLY A 157 -32.41 15.16 26.18
CA GLY A 157 -32.62 15.07 24.74
C GLY A 157 -32.53 13.65 24.18
N PHE A 158 -32.23 12.68 25.05
CA PHE A 158 -31.92 11.31 24.65
C PHE A 158 -33.01 10.30 25.05
N SER A 159 -34.03 10.76 25.77
CA SER A 159 -35.04 9.81 26.30
C SER A 159 -35.82 9.01 25.25
N TRP A 160 -35.88 9.50 24.02
CA TRP A 160 -36.65 8.84 22.95
C TRP A 160 -36.00 7.56 22.40
N ILE A 161 -34.73 7.32 22.74
CA ILE A 161 -34.01 6.20 22.16
C ILE A 161 -34.48 4.84 22.72
N LYS A 162 -34.64 3.86 21.84
CA LYS A 162 -35.00 2.50 22.25
C LYS A 162 -33.91 1.53 21.78
N PRO A 163 -32.87 1.37 22.61
CA PRO A 163 -31.70 0.56 22.24
C PRO A 163 -31.92 -0.92 22.48
N CYS A 164 -32.12 -1.55 21.43
CA CYS A 164 -32.42 -2.98 21.44
C CYS A 164 -31.36 -3.86 20.74
N ILE A 165 -30.58 -3.28 20.03
CA ILE A 165 -29.57 -3.99 19.23
C ILE A 165 -28.54 -4.68 20.12
N SER A 166 -28.28 -5.96 19.86
CA SER A 166 -27.38 -6.73 20.72
CA SER A 166 -27.38 -6.74 20.72
C SER A 166 -25.91 -6.47 20.39
N SER A 167 -25.06 -6.64 21.39
CA SER A 167 -23.63 -6.48 21.19
C SER A 167 -23.10 -7.53 20.20
N ALA A 168 -23.82 -8.63 20.01
CA ALA A 168 -23.45 -9.63 19.02
C ALA A 168 -23.82 -9.23 17.58
N SER A 169 -24.48 -8.08 17.42
CA SER A 169 -25.01 -7.68 16.12
C SER A 169 -24.27 -6.51 15.49
N ILE A 170 -23.12 -6.18 16.05
CA ILE A 170 -22.24 -5.17 15.45
C ILE A 170 -20.85 -5.77 15.28
N VAL A 171 -20.23 -5.51 14.13
CA VAL A 171 -18.84 -5.88 13.90
C VAL A 171 -18.10 -4.65 13.42
N TYR A 172 -16.94 -4.38 14.02
CA TYR A 172 -16.11 -3.26 13.61
C TYR A 172 -15.05 -3.72 12.64
N ILE A 173 -14.70 -2.86 11.68
CA ILE A 173 -13.57 -3.10 10.78
C ILE A 173 -12.74 -1.83 10.68
N GLY A 174 -11.45 -1.92 10.98
CA GLY A 174 -10.57 -0.82 10.75
C GLY A 174 -9.91 -0.20 11.98
N LEU A 175 -10.24 -0.74 13.14
CA LEU A 175 -9.87 -0.08 14.39
C LEU A 175 -8.38 0.05 14.65
N ARG A 176 -7.97 1.28 14.92
CA ARG A 176 -6.60 1.53 15.31
C ARG A 176 -6.36 2.62 16.37
N ASP A 177 -7.41 3.28 16.83
CA ASP A 177 -7.28 4.26 17.92
C ASP A 177 -8.46 4.08 18.85
N VAL A 178 -8.23 3.30 19.90
CA VAL A 178 -9.27 2.86 20.83
C VAL A 178 -8.88 3.28 22.25
N ASP A 179 -9.77 3.95 22.96
CA ASP A 179 -9.44 4.44 24.29
C ASP A 179 -9.47 3.26 25.26
N PRO A 180 -8.68 3.32 26.34
CA PRO A 180 -8.67 2.18 27.28
C PRO A 180 -10.05 1.73 27.78
N PRO A 181 -10.97 2.66 28.15
CA PRO A 181 -12.29 2.15 28.54
C PRO A 181 -13.08 1.51 27.41
N GLU A 182 -12.85 1.92 26.17
CA GLU A 182 -13.50 1.29 25.03
C GLU A 182 -12.97 -0.13 24.86
N HIS A 183 -11.66 -0.31 25.05
CA HIS A 183 -11.10 -1.64 24.96
C HIS A 183 -11.73 -2.56 26.00
N PHE A 184 -11.87 -2.06 27.22
CA PHE A 184 -12.56 -2.81 28.27
C PHE A 184 -13.97 -3.18 27.86
N ILE A 185 -14.70 -2.22 27.27
CA ILE A 185 -16.08 -2.47 26.86
C ILE A 185 -16.14 -3.54 25.77
N LEU A 186 -15.30 -3.41 24.75
CA LEU A 186 -15.27 -4.39 23.67
C LEU A 186 -14.99 -5.78 24.21
N LYS A 187 -14.01 -5.90 25.10
CA LYS A 187 -13.68 -7.21 25.66
C LYS A 187 -14.76 -7.73 26.60
N ASN A 188 -15.26 -6.87 27.48
CA ASN A 188 -16.23 -7.31 28.50
C ASN A 188 -17.55 -7.79 27.91
N TYR A 189 -17.97 -7.16 26.81
CA TYR A 189 -19.23 -7.52 26.17
C TYR A 189 -19.03 -8.43 24.96
N ASP A 190 -17.80 -8.88 24.77
CA ASP A 190 -17.44 -9.80 23.68
C ASP A 190 -17.88 -9.25 22.32
N ILE A 191 -17.63 -7.97 22.08
CA ILE A 191 -17.98 -7.35 20.81
C ILE A 191 -16.87 -7.63 19.81
N GLN A 192 -17.25 -8.11 18.63
CA GLN A 192 -16.27 -8.56 17.65
C GLN A 192 -15.75 -7.41 16.80
N TYR A 193 -14.43 -7.40 16.60
CA TYR A 193 -13.82 -6.37 15.80
C TYR A 193 -12.63 -6.92 15.03
N PHE A 194 -12.41 -6.34 13.86
CA PHE A 194 -11.20 -6.61 13.11
C PHE A 194 -10.42 -5.31 13.05
N SER A 195 -9.37 -5.24 13.87
CA SER A 195 -8.50 -4.07 13.91
C SER A 195 -7.62 -4.06 12.66
N MET A 196 -6.89 -2.98 12.45
CA MET A 196 -5.93 -2.96 11.35
C MET A 196 -4.93 -4.12 11.44
N ARG A 197 -4.54 -4.50 12.64
CA ARG A 197 -3.65 -5.64 12.85
C ARG A 197 -4.30 -6.94 12.37
N ASP A 198 -5.58 -7.12 12.68
CA ASP A 198 -6.31 -8.28 12.15
C ASP A 198 -6.36 -8.29 10.63
N ILE A 199 -6.52 -7.12 10.03
CA ILE A 199 -6.52 -7.05 8.58
C ILE A 199 -5.11 -7.39 8.05
N ASP A 200 -4.08 -6.90 8.73
CA ASP A 200 -2.71 -7.23 8.33
C ASP A 200 -2.46 -8.74 8.33
N ARG A 201 -3.07 -9.43 9.29
CA ARG A 201 -2.90 -10.87 9.46
C ARG A 201 -3.77 -11.65 8.48
N LEU A 202 -5.06 -11.35 8.45
CA LEU A 202 -6.01 -12.19 7.73
C LEU A 202 -6.19 -11.83 6.27
N GLY A 203 -6.01 -10.54 5.94
CA GLY A 203 -6.37 -10.03 4.63
C GLY A 203 -7.83 -9.65 4.63
N ILE A 204 -8.19 -8.66 3.82
CA ILE A 204 -9.55 -8.14 3.82
C ILE A 204 -10.59 -9.17 3.36
N GLN A 205 -10.20 -10.10 2.49
CA GLN A 205 -11.17 -11.13 2.07
C GLN A 205 -11.68 -11.93 3.26
N LYS A 206 -10.75 -12.44 4.07
CA LYS A 206 -11.14 -13.27 5.20
C LYS A 206 -11.84 -12.43 6.27
N VAL A 207 -11.43 -11.17 6.41
CA VAL A 207 -12.12 -10.27 7.34
C VAL A 207 -13.60 -10.16 6.95
N MET A 208 -13.89 -9.97 5.67
CA MET A 208 -15.28 -9.84 5.25
C MET A 208 -16.05 -11.15 5.41
N GLU A 209 -15.42 -12.26 5.07
CA GLU A 209 -16.06 -13.57 5.25
C GLU A 209 -16.44 -13.79 6.71
N ARG A 210 -15.53 -13.43 7.61
CA ARG A 210 -15.75 -13.68 9.03
C ARG A 210 -16.79 -12.72 9.59
N THR A 211 -16.76 -11.47 9.11
CA THR A 211 -17.77 -10.49 9.50
C THR A 211 -19.18 -10.97 9.16
N PHE A 212 -19.37 -11.45 7.94
CA PHE A 212 -20.70 -11.90 7.55
C PHE A 212 -21.09 -13.20 8.24
N ASP A 213 -20.14 -14.09 8.52
CA ASP A 213 -20.48 -15.30 9.27
CA ASP A 213 -20.45 -15.30 9.28
C ASP A 213 -21.01 -14.94 10.65
N LEU A 214 -20.40 -13.96 11.29
CA LEU A 214 -20.84 -13.49 12.61
C LEU A 214 -22.23 -12.88 12.57
N LEU A 215 -22.51 -12.08 11.55
CA LEU A 215 -23.76 -11.30 11.53
C LEU A 215 -24.91 -12.00 10.83
N ILE A 216 -24.65 -12.60 9.66
CA ILE A 216 -25.70 -13.20 8.85
C ILE A 216 -25.44 -14.68 8.54
N GLY A 217 -24.60 -15.31 9.35
CA GLY A 217 -24.23 -16.69 9.10
C GLY A 217 -25.36 -17.63 9.44
N LYS A 218 -26.22 -17.22 10.37
CA LYS A 218 -27.36 -18.05 10.76
C LYS A 218 -28.65 -17.67 10.06
N ARG A 219 -28.84 -16.38 9.81
CA ARG A 219 -30.06 -15.92 9.15
C ARG A 219 -29.84 -14.62 8.38
N GLN A 220 -30.65 -14.40 7.35
CA GLN A 220 -30.57 -13.15 6.58
C GLN A 220 -31.08 -12.01 7.45
N ARG A 221 -30.36 -10.88 7.43
CA ARG A 221 -30.73 -9.70 8.20
C ARG A 221 -30.39 -8.45 7.38
N PRO A 222 -31.20 -7.40 7.52
CA PRO A 222 -30.82 -6.14 6.85
C PRO A 222 -29.53 -5.61 7.46
N ILE A 223 -28.67 -5.08 6.59
CA ILE A 223 -27.38 -4.57 7.04
C ILE A 223 -27.37 -3.07 7.07
N HIS A 224 -26.85 -2.52 8.16
CA HIS A 224 -26.58 -1.10 8.28
C HIS A 224 -25.07 -0.91 8.21
N LEU A 225 -24.58 -0.24 7.17
CA LEU A 225 -23.15 0.05 7.06
C LEU A 225 -22.92 1.47 7.54
N SER A 226 -22.20 1.62 8.66
CA SER A 226 -21.86 2.96 9.14
C SER A 226 -20.38 3.18 8.87
N PHE A 227 -20.09 4.02 7.88
CA PHE A 227 -18.73 4.17 7.38
C PHE A 227 -18.18 5.56 7.68
N ASP A 228 -17.20 5.60 8.59
CA ASP A 228 -16.47 6.82 8.95
C ASP A 228 -15.32 6.92 7.93
N ILE A 229 -15.26 8.02 7.20
CA ILE A 229 -14.22 8.19 6.18
C ILE A 229 -12.82 8.07 6.79
N ASP A 230 -12.68 8.32 8.09
CA ASP A 230 -11.36 8.19 8.75
C ASP A 230 -10.88 6.75 8.91
N ALA A 231 -11.71 5.79 8.50
CA ALA A 231 -11.23 4.40 8.42
C ALA A 231 -10.08 4.32 7.41
N PHE A 232 -10.16 5.11 6.36
CA PHE A 232 -9.10 5.16 5.34
C PHE A 232 -7.84 5.84 5.88
N ASP A 233 -6.68 5.44 5.36
CA ASP A 233 -5.45 6.14 5.70
C ASP A 233 -5.58 7.64 5.39
N PRO A 234 -5.01 8.48 6.26
CA PRO A 234 -5.04 9.93 6.08
C PRO A 234 -4.46 10.40 4.75
N THR A 235 -3.56 9.62 4.14
CA THR A 235 -3.07 9.99 2.82
C THR A 235 -4.18 9.95 1.75
N LEU A 236 -5.20 9.13 2.00
CA LEU A 236 -6.30 8.99 1.06
C LEU A 236 -7.50 9.85 1.44
N ALA A 237 -7.70 10.03 2.75
CA ALA A 237 -8.83 10.80 3.25
C ALA A 237 -8.37 11.85 4.24
N PRO A 238 -7.69 12.87 3.75
CA PRO A 238 -7.13 13.84 4.69
C PRO A 238 -8.18 14.79 5.28
N ALA A 239 -9.29 15.00 4.59
CA ALA A 239 -10.25 16.01 5.01
C ALA A 239 -11.21 15.41 6.02
N THR A 240 -10.72 15.24 7.24
CA THR A 240 -11.49 14.61 8.31
C THR A 240 -10.90 15.03 9.65
N GLY A 241 -11.73 15.00 10.70
CA GLY A 241 -11.36 15.64 11.96
C GLY A 241 -10.42 14.89 12.87
N THR A 242 -10.45 13.57 12.82
CA THR A 242 -9.61 12.75 13.68
CA THR A 242 -9.62 12.74 13.68
C THR A 242 -8.85 11.71 12.86
N PRO A 243 -7.93 12.17 12.01
CA PRO A 243 -7.15 11.21 11.21
C PRO A 243 -6.19 10.39 12.08
N VAL A 244 -6.01 9.12 11.70
CA VAL A 244 -5.08 8.25 12.39
C VAL A 244 -4.27 7.50 11.34
N VAL A 245 -2.95 7.58 11.43
CA VAL A 245 -2.09 6.93 10.44
C VAL A 245 -2.28 5.41 10.43
N GLY A 246 -2.00 4.81 9.28
CA GLY A 246 -2.03 3.36 9.16
C GLY A 246 -3.39 2.77 8.87
N GLY A 247 -4.18 3.44 8.03
CA GLY A 247 -5.54 3.01 7.76
C GLY A 247 -5.75 2.09 6.56
N LEU A 248 -7.01 1.88 6.21
CA LEU A 248 -7.36 1.07 5.04
C LEU A 248 -6.75 1.68 3.79
N THR A 249 -6.35 0.81 2.86
CA THR A 249 -6.01 1.27 1.54
C THR A 249 -7.28 1.50 0.73
N TYR A 250 -7.13 2.15 -0.41
CA TYR A 250 -8.23 2.37 -1.32
C TYR A 250 -8.87 1.04 -1.71
N ARG A 251 -8.02 0.10 -2.11
CA ARG A 251 -8.50 -1.21 -2.51
C ARG A 251 -9.22 -1.95 -1.38
N GLU A 252 -8.73 -1.83 -0.15
CA GLU A 252 -9.41 -2.50 0.95
C GLU A 252 -10.79 -1.90 1.17
N GLY A 253 -10.90 -0.57 1.06
CA GLY A 253 -12.18 0.10 1.23
C GLY A 253 -13.18 -0.32 0.16
N MET A 254 -12.72 -0.39 -1.09
CA MET A 254 -13.59 -0.84 -2.16
C MET A 254 -13.99 -2.30 -1.94
N TYR A 255 -13.07 -3.11 -1.44
CA TYR A 255 -13.40 -4.52 -1.21
C TYR A 255 -14.50 -4.66 -0.14
N ILE A 256 -14.38 -3.90 0.94
CA ILE A 256 -15.42 -3.91 1.98
C ILE A 256 -16.77 -3.57 1.37
N ALA A 257 -16.83 -2.48 0.61
CA ALA A 257 -18.08 -2.04 -0.01
C ALA A 257 -18.63 -3.07 -0.99
N GLU A 258 -17.75 -3.67 -1.79
CA GLU A 258 -18.17 -4.71 -2.73
C GLU A 258 -18.80 -5.88 -2.03
N GLU A 259 -18.21 -6.31 -0.91
CA GLU A 259 -18.76 -7.42 -0.14
C GLU A 259 -20.09 -7.07 0.52
N ILE A 260 -20.20 -5.84 1.01
CA ILE A 260 -21.50 -5.34 1.46
C ILE A 260 -22.54 -5.45 0.35
N HIS A 261 -22.21 -4.97 -0.84
CA HIS A 261 -23.15 -5.09 -1.95
C HIS A 261 -23.50 -6.55 -2.26
N ASN A 262 -22.49 -7.42 -2.24
CA ASN A 262 -22.67 -8.81 -2.64
C ASN A 262 -23.58 -9.61 -1.70
N THR A 263 -23.82 -9.09 -0.49
CA THR A 263 -24.75 -9.78 0.41
C THR A 263 -26.18 -9.66 -0.08
N GLY A 264 -26.45 -8.62 -0.86
CA GLY A 264 -27.81 -8.30 -1.27
C GLY A 264 -28.68 -7.76 -0.14
N LEU A 265 -28.08 -7.45 1.00
CA LEU A 265 -28.85 -7.11 2.21
C LEU A 265 -28.65 -5.68 2.70
N LEU A 266 -27.91 -4.86 1.97
CA LEU A 266 -27.69 -3.49 2.43
C LEU A 266 -29.00 -2.70 2.48
N SER A 267 -29.30 -2.17 3.65
CA SER A 267 -30.56 -1.49 3.89
C SER A 267 -30.38 0.00 4.25
N ALA A 268 -29.26 0.33 4.89
CA ALA A 268 -28.92 1.74 5.12
C ALA A 268 -27.42 1.90 5.21
N LEU A 269 -26.95 3.09 4.84
CA LEU A 269 -25.52 3.38 4.85
C LEU A 269 -25.32 4.80 5.37
N ASP A 270 -24.35 4.99 6.27
CA ASP A 270 -23.91 6.32 6.66
C ASP A 270 -22.52 6.55 6.09
N LEU A 271 -22.27 7.74 5.54
CA LEU A 271 -20.93 8.11 5.14
C LEU A 271 -20.64 9.42 5.86
N VAL A 272 -19.85 9.31 6.91
CA VAL A 272 -19.69 10.40 7.86
C VAL A 272 -18.26 10.92 7.95
N GLU A 273 -18.15 12.12 8.53
CA GLU A 273 -16.88 12.73 8.95
C GLU A 273 -16.04 13.34 7.83
N VAL A 274 -16.60 13.49 6.65
CA VAL A 274 -15.92 14.30 5.64
C VAL A 274 -16.03 15.77 6.04
N ASN A 275 -14.90 16.41 6.29
CA ASN A 275 -14.86 17.83 6.64
C ASN A 275 -13.95 18.55 5.65
N PRO A 276 -14.56 19.17 4.63
CA PRO A 276 -13.79 19.79 3.54
C PRO A 276 -12.91 20.93 4.03
N GLN A 277 -13.29 21.58 5.12
CA GLN A 277 -12.53 22.72 5.64
C GLN A 277 -11.19 22.33 6.24
N LEU A 278 -10.99 21.05 6.52
CA LEU A 278 -9.75 20.60 7.15
C LEU A 278 -8.71 20.18 6.12
N ALA A 279 -9.09 20.20 4.86
CA ALA A 279 -8.14 19.97 3.78
C ALA A 279 -7.13 21.13 3.70
N THR A 280 -5.88 20.82 3.37
CA THR A 280 -4.84 21.83 3.18
C THR A 280 -4.99 22.52 1.82
N SER A 281 -5.69 21.84 0.91
CA SER A 281 -5.86 22.33 -0.45
C SER A 281 -7.20 21.86 -0.99
N GLU A 282 -7.65 22.48 -2.08
CA GLU A 282 -8.87 22.07 -2.77
C GLU A 282 -8.77 20.62 -3.22
N GLU A 283 -7.56 20.23 -3.62
CA GLU A 283 -7.31 18.87 -4.08
C GLU A 283 -7.55 17.86 -2.97
N GLU A 284 -7.08 18.15 -1.76
CA GLU A 284 -7.27 17.24 -0.63
C GLU A 284 -8.75 17.12 -0.30
N ALA A 285 -9.47 18.23 -0.39
CA ALA A 285 -10.89 18.21 -0.10
C ALA A 285 -11.62 17.36 -1.14
N LYS A 286 -11.33 17.62 -2.41
CA LYS A 286 -12.01 16.91 -3.49
C LYS A 286 -11.68 15.42 -3.50
N THR A 287 -10.45 15.03 -3.22
CA THR A 287 -10.10 13.61 -3.21
CA THR A 287 -10.13 13.60 -3.22
C THR A 287 -10.85 12.88 -2.09
N THR A 288 -11.04 13.56 -0.96
CA THR A 288 -11.75 12.94 0.16
C THR A 288 -13.21 12.73 -0.23
N ALA A 289 -13.81 13.73 -0.88
CA ALA A 289 -15.21 13.62 -1.31
C ALA A 289 -15.36 12.56 -2.41
N ASN A 290 -14.38 12.50 -3.31
CA ASN A 290 -14.43 11.52 -4.39
C ASN A 290 -14.36 10.11 -3.82
N LEU A 291 -13.56 9.96 -2.77
CA LEU A 291 -13.42 8.65 -2.12
C LEU A 291 -14.72 8.26 -1.47
N ALA A 292 -15.38 9.23 -0.84
CA ALA A 292 -16.68 8.98 -0.23
C ALA A 292 -17.70 8.49 -1.28
N VAL A 293 -17.72 9.14 -2.44
CA VAL A 293 -18.59 8.70 -3.52
C VAL A 293 -18.25 7.27 -3.95
N ASP A 294 -16.96 6.96 -4.07
CA ASP A 294 -16.56 5.61 -4.46
C ASP A 294 -17.06 4.53 -3.49
N VAL A 295 -16.99 4.83 -2.19
CA VAL A 295 -17.47 3.89 -1.18
C VAL A 295 -18.96 3.66 -1.34
N ILE A 296 -19.70 4.74 -1.50
CA ILE A 296 -21.16 4.62 -1.62
C ILE A 296 -21.56 3.88 -2.89
N ALA A 297 -20.93 4.25 -4.01
CA ALA A 297 -21.25 3.60 -5.28
C ALA A 297 -20.90 2.10 -5.25
N SER A 298 -19.75 1.77 -4.67
CA SER A 298 -19.35 0.36 -4.57
CA SER A 298 -19.36 0.37 -4.58
C SER A 298 -20.32 -0.42 -3.69
N SER A 299 -20.81 0.22 -2.63
CA SER A 299 -21.76 -0.43 -1.73
C SER A 299 -23.09 -0.73 -2.39
N PHE A 300 -23.39 -0.01 -3.48
CA PHE A 300 -24.62 -0.25 -4.25
C PHE A 300 -24.36 -0.89 -5.60
N GLY A 301 -23.16 -1.43 -5.78
CA GLY A 301 -22.95 -2.32 -6.93
C GLY A 301 -21.90 -1.94 -7.95
N GLN A 302 -21.23 -0.81 -7.78
CA GLN A 302 -20.19 -0.51 -8.76
C GLN A 302 -19.06 -1.53 -8.59
N THR A 303 -18.62 -2.11 -9.71
CA THR A 303 -17.57 -3.12 -9.70
C THR A 303 -16.30 -2.58 -10.34
N ARG A 304 -15.22 -3.35 -10.16
CA ARG A 304 -13.94 -3.06 -10.80
C ARG A 304 -13.67 -4.04 -11.94
N GLU A 305 -14.70 -4.71 -12.44
CA GLU A 305 -14.51 -5.56 -13.62
C GLU A 305 -15.57 -5.32 -14.67
N GLY A 306 -16.37 -4.29 -14.50
CA GLY A 306 -17.31 -3.92 -15.54
C GLY A 306 -18.59 -4.72 -15.49
N HIS B 1 22.43 -14.03 -24.22
CA HIS B 1 21.08 -13.47 -24.17
C HIS B 1 21.06 -12.10 -24.85
N SER B 2 20.25 -11.99 -25.90
CA SER B 2 20.22 -10.77 -26.69
C SER B 2 18.84 -10.10 -26.61
N VAL B 3 18.85 -8.78 -26.47
CA VAL B 3 17.61 -8.01 -26.38
C VAL B 3 17.62 -6.93 -27.43
N ALA B 4 16.53 -6.84 -28.19
CA ALA B 4 16.36 -5.76 -29.16
C ALA B 4 15.45 -4.73 -28.51
N VAL B 5 15.78 -3.45 -28.70
CA VAL B 5 14.93 -2.38 -28.20
C VAL B 5 14.44 -1.58 -29.38
N ILE B 6 13.12 -1.45 -29.49
CA ILE B 6 12.53 -0.72 -30.59
C ILE B 6 11.70 0.40 -30.00
N GLY B 7 11.98 1.65 -30.40
CA GLY B 7 11.11 2.74 -30.04
C GLY B 7 9.98 2.84 -31.05
N ALA B 8 8.75 2.87 -30.56
CA ALA B 8 7.56 2.96 -31.42
C ALA B 8 6.71 4.12 -30.96
N PRO B 9 7.03 5.32 -31.45
CA PRO B 9 6.32 6.50 -30.93
C PRO B 9 4.89 6.64 -31.50
N PHE B 10 4.03 5.65 -31.21
CA PHE B 10 2.64 5.69 -31.63
C PHE B 10 1.89 6.72 -30.80
N SER B 11 1.15 7.61 -31.44
CA SER B 11 0.16 8.40 -30.69
C SER B 11 -1.25 8.35 -31.29
N GLN B 12 -1.36 7.82 -32.51
CA GLN B 12 -2.63 7.92 -33.22
C GLN B 12 -3.68 6.88 -32.84
N GLY B 13 -3.33 6.00 -31.90
CA GLY B 13 -4.30 5.10 -31.30
C GLY B 13 -5.18 5.79 -30.25
N GLN B 14 -4.92 7.07 -30.00
CA GLN B 14 -5.69 7.81 -29.01
C GLN B 14 -5.64 9.28 -29.33
N LYS B 15 -6.19 10.13 -28.46
CA LYS B 15 -6.37 11.54 -28.80
C LYS B 15 -5.48 12.54 -28.03
N ARG B 16 -4.79 12.09 -26.99
CA ARG B 16 -3.98 12.98 -26.15
C ARG B 16 -2.56 13.12 -26.68
N LYS B 17 -2.10 14.36 -26.85
CA LYS B 17 -0.74 14.58 -27.35
C LYS B 17 0.31 14.20 -26.31
N GLY B 18 1.41 13.61 -26.78
CA GLY B 18 2.61 13.48 -25.95
C GLY B 18 3.14 12.09 -25.78
N VAL B 19 2.27 11.10 -25.99
CA VAL B 19 2.66 9.71 -25.73
C VAL B 19 3.72 9.26 -26.73
N GLU B 20 3.85 9.98 -27.85
CA GLU B 20 4.92 9.68 -28.79
C GLU B 20 6.31 9.96 -28.20
N HIS B 21 6.37 10.68 -27.08
CA HIS B 21 7.64 10.96 -26.41
C HIS B 21 8.00 9.96 -25.33
N GLY B 22 7.13 8.97 -25.13
CA GLY B 22 7.40 7.89 -24.18
C GLY B 22 8.73 7.16 -24.38
N PRO B 23 9.06 6.77 -25.63
CA PRO B 23 10.30 6.02 -25.82
C PRO B 23 11.53 6.82 -25.40
N ALA B 24 11.58 8.09 -25.78
CA ALA B 24 12.68 8.95 -25.38
C ALA B 24 12.77 9.05 -23.86
N ALA B 25 11.63 9.17 -23.21
CA ALA B 25 11.59 9.33 -21.75
C ALA B 25 12.13 8.10 -21.07
N ILE B 26 11.75 6.94 -21.58
CA ILE B 26 12.21 5.70 -21.00
C ILE B 26 13.71 5.51 -21.22
N ARG B 27 14.19 5.82 -22.42
CA ARG B 27 15.63 5.77 -22.68
C ARG B 27 16.39 6.71 -21.76
N GLU B 28 15.86 7.92 -21.59
CA GLU B 28 16.50 8.93 -20.75
C GLU B 28 16.57 8.48 -19.28
N ALA B 29 15.64 7.61 -18.88
CA ALA B 29 15.63 7.08 -17.52
C ALA B 29 16.65 5.94 -17.29
N GLY B 30 17.47 5.64 -18.29
CA GLY B 30 18.62 4.75 -18.13
C GLY B 30 18.39 3.30 -18.53
N LEU B 31 17.43 3.07 -19.42
CA LEU B 31 17.06 1.71 -19.81
C LEU B 31 18.22 0.88 -20.30
N MET B 32 18.97 1.41 -21.26
CA MET B 32 19.99 0.60 -21.91
C MET B 32 21.11 0.22 -20.93
N LYS B 33 21.57 1.16 -20.10
CA LYS B 33 22.55 0.79 -19.07
C LYS B 33 22.02 -0.28 -18.13
N ARG B 34 20.77 -0.17 -17.72
CA ARG B 34 20.21 -1.15 -16.80
C ARG B 34 20.19 -2.55 -17.42
N LEU B 35 19.80 -2.64 -18.69
CA LEU B 35 19.79 -3.93 -19.37
C LEU B 35 21.21 -4.48 -19.57
N SER B 36 22.13 -3.61 -19.99
CA SER B 36 23.53 -4.04 -20.13
CA SER B 36 23.52 -4.04 -20.14
C SER B 36 24.08 -4.63 -18.84
N SER B 37 23.78 -3.98 -17.71
CA SER B 37 24.28 -4.42 -16.40
C SER B 37 23.85 -5.82 -16.00
N LEU B 38 22.69 -6.23 -16.49
CA LEU B 38 22.17 -7.56 -16.21
C LEU B 38 22.84 -8.63 -17.08
N GLY B 39 23.58 -8.18 -18.08
CA GLY B 39 24.25 -9.11 -18.99
C GLY B 39 23.58 -9.24 -20.34
N CYS B 40 22.58 -8.39 -20.63
CA CYS B 40 21.92 -8.44 -21.93
C CYS B 40 22.80 -7.85 -23.02
N HIS B 41 22.97 -8.60 -24.11
CA HIS B 41 23.56 -8.06 -25.33
C HIS B 41 22.47 -7.31 -26.10
N LEU B 42 22.72 -6.03 -26.40
CA LEU B 42 21.68 -5.15 -26.93
C LEU B 42 21.80 -4.81 -28.41
N LYS B 43 20.65 -4.76 -29.09
CA LYS B 43 20.57 -4.12 -30.40
C LYS B 43 19.50 -3.04 -30.32
N ASP B 44 19.92 -1.79 -30.49
CA ASP B 44 19.00 -0.67 -30.43
C ASP B 44 18.58 -0.29 -31.84
N PHE B 45 17.28 -0.44 -32.13
CA PHE B 45 16.75 -0.11 -33.44
C PHE B 45 16.40 1.36 -33.55
N GLY B 46 16.58 2.07 -32.44
CA GLY B 46 16.21 3.48 -32.36
C GLY B 46 14.70 3.67 -32.33
N ASP B 47 14.26 4.91 -32.52
CA ASP B 47 12.85 5.22 -32.66
C ASP B 47 12.43 5.14 -34.12
N LEU B 48 11.46 4.29 -34.41
CA LEU B 48 11.02 4.14 -35.80
C LEU B 48 10.26 5.37 -36.27
N SER B 49 10.35 5.64 -37.57
CA SER B 49 9.51 6.65 -38.21
C SER B 49 8.51 5.93 -39.10
N PHE B 50 7.23 6.06 -38.76
CA PHE B 50 6.20 5.33 -39.48
C PHE B 50 5.65 6.14 -40.65
N THR B 51 5.29 5.44 -41.71
CA THR B 51 4.79 6.07 -42.92
C THR B 51 3.39 6.62 -42.62
N PRO B 52 3.18 7.93 -42.85
CA PRO B 52 1.82 8.45 -42.66
C PRO B 52 0.92 8.06 -43.82
N VAL B 53 -0.39 8.19 -43.61
CA VAL B 53 -1.37 7.95 -44.67
C VAL B 53 -2.18 9.21 -44.84
N PRO B 54 -2.21 9.76 -46.07
CA PRO B 54 -2.97 10.99 -46.35
C PRO B 54 -4.46 10.76 -46.25
N LYS B 55 -5.17 11.77 -45.74
CA LYS B 55 -6.64 11.77 -45.70
C LYS B 55 -7.17 10.55 -44.97
N ASP B 56 -6.62 10.30 -43.80
CA ASP B 56 -6.98 9.11 -43.05
C ASP B 56 -8.23 9.45 -42.26
N ASP B 57 -9.34 9.52 -42.98
CA ASP B 57 -10.64 9.89 -42.42
C ASP B 57 -11.16 8.85 -41.44
N LEU B 58 -12.03 9.31 -40.53
CA LEU B 58 -12.65 8.42 -39.57
C LEU B 58 -13.29 7.24 -40.28
N TYR B 59 -13.20 6.07 -39.67
CA TYR B 59 -13.98 4.93 -40.14
C TYR B 59 -15.33 4.93 -39.42
N ASN B 60 -16.39 4.87 -40.19
CA ASN B 60 -17.72 4.84 -39.63
C ASN B 60 -18.02 6.01 -38.73
N ASN B 61 -17.47 7.14 -39.11
CA ASN B 61 -17.60 8.37 -38.35
C ASN B 61 -17.14 8.31 -36.89
N LEU B 62 -16.39 7.28 -36.54
CA LEU B 62 -15.96 7.14 -35.15
C LEU B 62 -14.52 6.70 -34.90
N ILE B 63 -14.07 5.70 -35.66
CA ILE B 63 -12.76 5.10 -35.39
C ILE B 63 -11.68 6.02 -35.93
N VAL B 64 -10.80 6.51 -35.06
CA VAL B 64 -9.84 7.55 -35.43
CA VAL B 64 -9.86 7.54 -35.47
C VAL B 64 -8.54 6.97 -36.00
N ASN B 65 -8.05 7.60 -37.05
CA ASN B 65 -6.77 7.24 -37.68
C ASN B 65 -6.59 5.76 -38.04
N PRO B 66 -7.60 5.12 -38.65
CA PRO B 66 -7.45 3.67 -38.84
C PRO B 66 -6.32 3.28 -39.79
N ARG B 67 -6.18 3.99 -40.91
CA ARG B 67 -5.16 3.62 -41.88
C ARG B 67 -3.76 3.85 -41.32
N SER B 68 -3.61 4.92 -40.54
CA SER B 68 -2.32 5.28 -39.96
C SER B 68 -1.90 4.23 -38.93
N VAL B 69 -2.85 3.86 -38.07
CA VAL B 69 -2.59 2.86 -37.05
C VAL B 69 -2.34 1.51 -37.73
N GLY B 70 -3.10 1.22 -38.78
CA GLY B 70 -2.93 -0.04 -39.49
C GLY B 70 -1.58 -0.14 -40.17
N LEU B 71 -1.16 0.93 -40.86
CA LEU B 71 0.13 0.89 -41.56
C LEU B 71 1.32 0.92 -40.60
N ALA B 72 1.27 1.76 -39.57
CA ALA B 72 2.34 1.80 -38.58
C ALA B 72 2.52 0.42 -37.96
N ASN B 73 1.40 -0.25 -37.68
CA ASN B 73 1.51 -1.58 -37.09
C ASN B 73 2.04 -2.61 -38.06
N GLN B 74 1.72 -2.46 -39.34
CA GLN B 74 2.24 -3.38 -40.34
C GLN B 74 3.76 -3.23 -40.41
N GLU B 75 4.21 -1.98 -40.39
CA GLU B 75 5.64 -1.69 -40.40
C GLU B 75 6.35 -2.17 -39.14
N LEU B 76 5.72 -1.95 -37.98
CA LEU B 76 6.29 -2.40 -36.72
C LEU B 76 6.38 -3.93 -36.70
N ALA B 77 5.32 -4.61 -37.15
CA ALA B 77 5.31 -6.07 -37.17
C ALA B 77 6.50 -6.62 -37.94
N GLU B 78 6.86 -5.96 -39.05
CA GLU B 78 8.00 -6.41 -39.83
C GLU B 78 9.30 -6.30 -39.03
N VAL B 79 9.47 -5.21 -38.29
CA VAL B 79 10.67 -5.05 -37.49
C VAL B 79 10.72 -6.06 -36.34
N VAL B 80 9.59 -6.25 -35.66
CA VAL B 80 9.55 -7.21 -34.56
C VAL B 80 9.82 -8.63 -35.06
N SER B 81 9.21 -8.98 -36.17
CA SER B 81 9.40 -10.30 -36.78
C SER B 81 10.87 -10.55 -37.10
N ARG B 82 11.53 -9.56 -37.68
CA ARG B 82 12.94 -9.70 -38.01
C ARG B 82 13.79 -9.86 -36.76
N ALA B 83 13.49 -9.08 -35.73
CA ALA B 83 14.26 -9.16 -34.49
C ALA B 83 14.11 -10.51 -33.80
N VAL B 84 12.88 -11.01 -33.71
CA VAL B 84 12.63 -12.30 -33.10
C VAL B 84 13.26 -13.41 -33.95
N SER B 85 13.19 -13.27 -35.28
CA SER B 85 13.80 -14.26 -36.15
C SER B 85 15.33 -14.33 -35.97
N ASP B 86 15.93 -13.18 -35.65
CA ASP B 86 17.37 -13.10 -35.37
C ASP B 86 17.76 -13.48 -33.95
N GLY B 87 16.79 -13.95 -33.15
CA GLY B 87 17.07 -14.46 -31.83
C GLY B 87 17.02 -13.48 -30.65
N TYR B 88 16.51 -12.28 -30.90
CA TYR B 88 16.39 -11.29 -29.83
C TYR B 88 15.06 -11.43 -29.11
N SER B 89 15.07 -11.24 -27.79
CA SER B 89 13.84 -10.93 -27.07
C SER B 89 13.57 -9.49 -27.40
N CYS B 90 12.34 -9.17 -27.76
CA CYS B 90 12.04 -7.87 -28.34
CA CYS B 90 12.00 -7.87 -28.34
C CYS B 90 11.30 -6.94 -27.38
N VAL B 91 11.98 -5.86 -26.97
CA VAL B 91 11.36 -4.83 -26.13
C VAL B 91 10.90 -3.69 -27.02
N THR B 92 9.59 -3.40 -26.99
CA THR B 92 9.08 -2.27 -27.75
C THR B 92 8.56 -1.21 -26.78
N LEU B 93 9.07 0.00 -26.95
CA LEU B 93 8.68 1.12 -26.10
C LEU B 93 7.63 1.95 -26.81
N GLY B 94 6.50 2.18 -26.14
CA GLY B 94 5.48 3.04 -26.71
C GLY B 94 5.54 4.45 -26.15
N GLY B 95 4.66 5.33 -26.64
CA GLY B 95 3.65 4.99 -27.62
C GLY B 95 2.39 4.42 -27.00
N ASP B 96 1.26 4.61 -27.70
CA ASP B 96 0.00 4.08 -27.20
C ASP B 96 -0.17 2.59 -27.45
N HIS B 97 -1.12 1.97 -26.76
CA HIS B 97 -1.23 0.51 -26.75
C HIS B 97 -1.70 -0.10 -28.08
N SER B 98 -2.12 0.71 -29.04
CA SER B 98 -2.49 0.15 -30.35
C SER B 98 -1.30 -0.54 -31.01
N LEU B 99 -0.10 -0.21 -30.56
CA LEU B 99 1.12 -0.80 -31.13
C LEU B 99 1.20 -2.29 -30.84
N ALA B 100 0.43 -2.79 -29.86
CA ALA B 100 0.44 -4.23 -29.58
C ALA B 100 -0.11 -5.05 -30.74
N ILE B 101 -0.92 -4.43 -31.60
CA ILE B 101 -1.40 -5.13 -32.78
C ILE B 101 -0.17 -5.54 -33.59
N GLY B 102 0.73 -4.59 -33.80
CA GLY B 102 1.94 -4.85 -34.57
C GLY B 102 2.95 -5.74 -33.87
N THR B 103 3.20 -5.50 -32.58
CA THR B 103 4.20 -6.33 -31.92
C THR B 103 3.76 -7.78 -31.78
N ILE B 104 2.50 -8.00 -31.41
CA ILE B 104 2.03 -9.38 -31.27
C ILE B 104 1.95 -10.08 -32.62
N SER B 105 1.49 -9.35 -33.64
CA SER B 105 1.44 -9.91 -35.01
C SER B 105 2.84 -10.29 -35.49
N GLY B 106 3.82 -9.40 -35.30
CA GLY B 106 5.17 -9.69 -35.73
C GLY B 106 5.78 -10.86 -34.97
N HIS B 107 5.53 -10.88 -33.67
CA HIS B 107 6.02 -11.92 -32.79
C HIS B 107 5.46 -13.29 -33.18
N ALA B 108 4.17 -13.33 -33.50
CA ALA B 108 3.50 -14.59 -33.80
C ALA B 108 3.95 -15.20 -35.12
N ARG B 109 4.56 -14.40 -35.99
CA ARG B 109 5.01 -14.93 -37.29
C ARG B 109 6.01 -16.08 -37.15
N HIS B 110 6.92 -15.96 -36.21
CA HIS B 110 7.92 -17.02 -35.99
C HIS B 110 7.62 -17.83 -34.74
N CYS B 111 6.71 -17.31 -33.92
CA CYS B 111 6.41 -17.94 -32.63
C CYS B 111 4.89 -18.06 -32.49
N PRO B 112 4.25 -18.89 -33.33
CA PRO B 112 2.79 -18.91 -33.42
C PRO B 112 2.08 -19.41 -32.17
N ASP B 113 2.78 -20.16 -31.32
CA ASP B 113 2.17 -20.65 -30.08
C ASP B 113 2.51 -19.74 -28.90
N LEU B 114 2.84 -18.48 -29.16
CA LEU B 114 3.05 -17.54 -28.05
C LEU B 114 1.81 -17.40 -27.18
N CYS B 115 2.02 -17.00 -25.93
CA CYS B 115 0.91 -16.62 -25.06
C CYS B 115 1.15 -15.19 -24.63
N VAL B 116 0.09 -14.55 -24.14
CA VAL B 116 0.14 -13.12 -23.84
C VAL B 116 -0.26 -12.88 -22.40
N VAL B 117 0.57 -12.14 -21.67
CA VAL B 117 0.20 -11.66 -20.34
C VAL B 117 -0.01 -10.16 -20.50
N TRP B 118 -1.24 -9.71 -20.30
CA TRP B 118 -1.61 -8.33 -20.61
C TRP B 118 -1.85 -7.64 -19.27
N VAL B 119 -0.93 -6.76 -18.89
CA VAL B 119 -0.98 -6.10 -17.57
C VAL B 119 -1.46 -4.68 -17.77
N ASP B 120 -2.63 -4.34 -17.21
CA ASP B 120 -3.33 -3.14 -17.64
C ASP B 120 -4.48 -2.90 -16.68
N ALA B 121 -4.84 -1.62 -16.50
CA ALA B 121 -6.11 -1.30 -15.83
C ALA B 121 -7.30 -1.64 -16.72
N HIS B 122 -7.06 -1.77 -18.03
CA HIS B 122 -8.12 -1.89 -19.03
C HIS B 122 -7.98 -3.19 -19.81
N ALA B 123 -9.08 -3.67 -20.38
CA ALA B 123 -9.03 -4.92 -21.15
C ALA B 123 -8.66 -4.70 -22.62
N ASP B 124 -8.79 -3.47 -23.11
CA ASP B 124 -8.38 -3.13 -24.48
C ASP B 124 -8.97 -4.11 -25.50
N ILE B 125 -10.21 -4.53 -25.28
CA ILE B 125 -10.81 -5.59 -26.09
C ILE B 125 -12.13 -5.14 -26.72
N ASN B 126 -12.41 -3.84 -26.68
CA ASN B 126 -13.49 -3.33 -27.53
C ASN B 126 -13.23 -3.64 -28.99
N THR B 127 -14.30 -3.82 -29.76
CA THR B 127 -14.18 -3.97 -31.20
C THR B 127 -14.60 -2.66 -31.85
N PRO B 128 -14.43 -2.52 -33.16
CA PRO B 128 -14.94 -1.32 -33.82
C PRO B 128 -16.44 -1.12 -33.65
N LEU B 129 -17.16 -2.17 -33.29
CA LEU B 129 -18.61 -2.08 -33.12
C LEU B 129 -19.01 -1.83 -31.65
N THR B 130 -18.06 -1.93 -30.71
CA THR B 130 -18.40 -1.71 -29.30
C THR B 130 -17.74 -0.50 -28.67
N THR B 131 -16.65 -0.02 -29.27
CA THR B 131 -15.94 1.12 -28.69
C THR B 131 -16.85 2.34 -28.60
N SER B 132 -16.79 3.04 -27.47
CA SER B 132 -17.51 4.30 -27.36
C SER B 132 -16.59 5.50 -27.53
N SER B 133 -15.30 5.25 -27.63
CA SER B 133 -14.32 6.33 -27.78
C SER B 133 -13.85 6.48 -29.23
N GLY B 134 -13.81 5.37 -29.94
CA GLY B 134 -13.24 5.37 -31.29
C GLY B 134 -11.73 5.20 -31.30
N ASN B 135 -11.13 5.09 -30.11
CA ASN B 135 -9.68 5.07 -30.00
C ASN B 135 -9.12 3.65 -30.09
N LEU B 136 -8.26 3.41 -31.07
CA LEU B 136 -7.77 2.05 -31.32
C LEU B 136 -6.91 1.47 -30.20
N HIS B 137 -6.36 2.32 -29.32
CA HIS B 137 -5.61 1.79 -28.20
C HIS B 137 -6.48 1.04 -27.18
N GLY B 138 -7.80 1.16 -27.32
CA GLY B 138 -8.72 0.48 -26.45
C GLY B 138 -9.40 -0.70 -27.10
N GLN B 139 -8.89 -1.02 -28.29
CA GLN B 139 -9.35 -2.14 -29.11
C GLN B 139 -8.32 -3.20 -29.56
N PRO B 140 -7.04 -3.10 -29.21
CA PRO B 140 -6.11 -3.95 -29.97
C PRO B 140 -6.33 -5.46 -29.85
N VAL B 141 -6.75 -5.93 -28.68
CA VAL B 141 -6.93 -7.36 -28.47
C VAL B 141 -8.02 -7.94 -29.39
N SER B 142 -9.02 -7.12 -29.74
CA SER B 142 -10.11 -7.63 -30.60
C SER B 142 -9.62 -8.06 -31.98
N PHE B 143 -8.53 -7.46 -32.44
CA PHE B 143 -8.02 -7.75 -33.78
C PHE B 143 -7.14 -8.98 -33.78
N LEU B 144 -6.76 -9.43 -32.60
CA LEU B 144 -5.76 -10.49 -32.46
C LEU B 144 -6.34 -11.86 -32.11
N LEU B 145 -7.56 -11.87 -31.56
CA LEU B 145 -8.14 -13.12 -31.06
C LEU B 145 -8.98 -13.83 -32.11
N ARG B 146 -8.63 -15.09 -32.38
CA ARG B 146 -9.31 -15.79 -33.47
C ARG B 146 -10.81 -15.94 -33.26
N GLU B 147 -11.23 -16.20 -32.03
CA GLU B 147 -12.65 -16.46 -31.74
C GLU B 147 -13.55 -15.23 -31.99
N LEU B 148 -12.95 -14.04 -31.98
CA LEU B 148 -13.75 -12.82 -32.10
C LEU B 148 -13.95 -12.36 -33.53
N GLN B 149 -13.35 -13.02 -34.51
CA GLN B 149 -13.22 -12.46 -35.85
CA GLN B 149 -13.24 -12.39 -35.81
C GLN B 149 -14.54 -12.19 -36.59
N ASP B 150 -15.56 -13.00 -36.33
CA ASP B 150 -16.86 -12.79 -36.97
CA ASP B 150 -16.83 -12.76 -37.01
C ASP B 150 -17.57 -11.54 -36.45
N LYS B 151 -17.04 -10.98 -35.36
CA LYS B 151 -17.63 -9.83 -34.69
C LYS B 151 -16.81 -8.57 -34.93
N VAL B 152 -15.71 -8.70 -35.67
CA VAL B 152 -14.82 -7.56 -35.93
C VAL B 152 -14.83 -7.18 -37.41
N PRO B 153 -15.35 -5.99 -37.72
CA PRO B 153 -15.37 -5.56 -39.12
C PRO B 153 -13.97 -5.27 -39.65
N GLN B 154 -13.82 -5.25 -40.96
CA GLN B 154 -12.54 -4.98 -41.61
C GLN B 154 -12.29 -3.47 -41.75
N LEU B 155 -11.31 -2.96 -41.01
CA LEU B 155 -10.96 -1.54 -41.08
C LEU B 155 -10.02 -1.28 -42.25
N PRO B 156 -10.09 -0.08 -42.83
CA PRO B 156 -9.09 0.29 -43.84
C PRO B 156 -7.70 0.34 -43.21
N GLY B 157 -6.75 -0.30 -43.89
CA GLY B 157 -5.39 -0.40 -43.38
C GLY B 157 -5.11 -1.63 -42.52
N PHE B 158 -6.13 -2.45 -42.28
CA PHE B 158 -6.03 -3.58 -41.37
C PHE B 158 -6.10 -4.93 -42.09
N SER B 159 -6.15 -4.92 -43.42
CA SER B 159 -6.36 -6.19 -44.16
C SER B 159 -5.23 -7.21 -43.97
N TRP B 160 -4.04 -6.72 -43.62
CA TRP B 160 -2.86 -7.57 -43.47
C TRP B 160 -2.89 -8.39 -42.18
N ILE B 161 -3.75 -7.99 -41.25
CA ILE B 161 -3.80 -8.68 -39.97
C ILE B 161 -4.62 -9.95 -40.07
N LYS B 162 -4.08 -11.04 -39.55
CA LYS B 162 -4.85 -12.26 -39.36
C LYS B 162 -4.73 -12.66 -37.90
N PRO B 163 -5.84 -12.79 -37.22
CA PRO B 163 -5.87 -12.98 -35.79
C PRO B 163 -4.90 -14.06 -35.32
N CYS B 164 -4.08 -13.86 -34.27
CA CYS B 164 -2.84 -14.62 -34.09
C CYS B 164 -2.98 -15.70 -33.10
N ILE B 165 -3.95 -15.54 -32.28
CA ILE B 165 -4.02 -16.34 -31.07
C ILE B 165 -5.44 -16.63 -30.58
N SER B 166 -5.55 -17.66 -29.76
N SER B 166 -5.57 -17.58 -29.82
CA SER B 166 -6.83 -18.08 -29.19
CA SER B 166 -6.85 -18.00 -29.25
C SER B 166 -7.13 -17.29 -27.92
C SER B 166 -7.15 -17.22 -27.98
N SER B 167 -8.42 -17.20 -27.61
CA SER B 167 -8.86 -16.53 -26.38
C SER B 167 -8.33 -17.21 -25.12
N ALA B 168 -7.93 -18.48 -25.22
CA ALA B 168 -7.36 -19.17 -24.08
C ALA B 168 -5.88 -18.85 -23.88
N SER B 169 -5.33 -18.05 -24.79
CA SER B 169 -3.89 -17.78 -24.78
C SER B 169 -3.55 -16.39 -24.28
N ILE B 170 -4.52 -15.66 -23.73
CA ILE B 170 -4.24 -14.36 -23.12
C ILE B 170 -4.76 -14.36 -21.68
N VAL B 171 -3.98 -13.81 -20.76
CA VAL B 171 -4.45 -13.62 -19.39
C VAL B 171 -4.21 -12.16 -19.02
N TYR B 172 -5.24 -11.52 -18.48
CA TYR B 172 -5.12 -10.15 -18.02
C TYR B 172 -4.78 -10.09 -16.55
N ILE B 173 -3.98 -9.10 -16.16
CA ILE B 173 -3.71 -8.82 -14.76
C ILE B 173 -3.82 -7.33 -14.50
N GLY B 174 -4.67 -6.95 -13.53
CA GLY B 174 -4.74 -5.57 -13.07
C GLY B 174 -6.03 -4.83 -13.39
N LEU B 175 -6.96 -5.50 -14.06
CA LEU B 175 -8.16 -4.83 -14.54
C LEU B 175 -9.08 -4.15 -13.56
N ARG B 176 -9.34 -2.86 -13.81
CA ARG B 176 -10.25 -2.08 -12.94
C ARG B 176 -11.03 -0.95 -13.63
N ASP B 177 -11.02 -0.99 -14.97
CA ASP B 177 -11.90 -0.10 -15.73
C ASP B 177 -12.24 -0.79 -17.04
N VAL B 178 -13.37 -1.48 -17.04
CA VAL B 178 -13.77 -2.34 -18.14
C VAL B 178 -15.14 -1.89 -18.64
N ASP B 179 -15.29 -1.66 -19.94
CA ASP B 179 -16.57 -1.20 -20.47
C ASP B 179 -17.54 -2.37 -20.47
N PRO B 180 -18.86 -2.09 -20.41
CA PRO B 180 -19.79 -3.22 -20.36
C PRO B 180 -19.67 -4.21 -21.55
N PRO B 181 -19.49 -3.71 -22.78
CA PRO B 181 -19.35 -4.73 -23.83
C PRO B 181 -18.07 -5.55 -23.70
N GLU B 182 -17.03 -4.98 -23.12
CA GLU B 182 -15.81 -5.76 -22.89
C GLU B 182 -16.05 -6.85 -21.85
N HIS B 183 -16.82 -6.52 -20.82
CA HIS B 183 -17.14 -7.51 -19.79
C HIS B 183 -17.91 -8.65 -20.44
N PHE B 184 -18.82 -8.31 -21.34
CA PHE B 184 -19.57 -9.33 -22.07
C PHE B 184 -18.62 -10.22 -22.86
N ILE B 185 -17.67 -9.61 -23.56
CA ILE B 185 -16.72 -10.37 -24.36
C ILE B 185 -15.86 -11.29 -23.48
N LEU B 186 -15.33 -10.76 -22.38
CA LEU B 186 -14.52 -11.59 -21.49
C LEU B 186 -15.30 -12.81 -20.98
N LYS B 187 -16.56 -12.60 -20.60
CA LYS B 187 -17.35 -13.70 -20.07
C LYS B 187 -17.78 -14.66 -21.16
N ASN B 188 -18.24 -14.13 -22.28
CA ASN B 188 -18.76 -14.96 -23.36
C ASN B 188 -17.70 -15.87 -23.98
N TYR B 189 -16.46 -15.39 -24.06
CA TYR B 189 -15.39 -16.16 -24.68
C TYR B 189 -14.48 -16.83 -23.64
N ASP B 190 -14.90 -16.75 -22.36
CA ASP B 190 -14.20 -17.40 -21.24
C ASP B 190 -12.75 -16.97 -21.17
N ILE B 191 -12.51 -15.67 -21.35
CA ILE B 191 -11.15 -15.13 -21.31
C ILE B 191 -10.78 -14.89 -19.85
N GLN B 192 -9.61 -15.36 -19.45
CA GLN B 192 -9.23 -15.36 -18.05
C GLN B 192 -8.59 -14.04 -17.67
N TYR B 193 -8.99 -13.52 -16.51
CA TYR B 193 -8.43 -12.27 -16.03
C TYR B 193 -8.35 -12.27 -14.51
N PHE B 194 -7.36 -11.56 -13.99
CA PHE B 194 -7.27 -11.29 -12.56
C PHE B 194 -7.39 -9.79 -12.38
N SER B 195 -8.58 -9.36 -11.96
CA SER B 195 -8.81 -7.94 -11.74
C SER B 195 -8.14 -7.50 -10.46
N MET B 196 -8.15 -6.20 -10.19
CA MET B 196 -7.62 -5.73 -8.91
C MET B 196 -8.28 -6.40 -7.71
N ARG B 197 -9.57 -6.67 -7.83
CA ARG B 197 -10.29 -7.42 -6.80
C ARG B 197 -9.74 -8.83 -6.62
N ASP B 198 -9.45 -9.52 -7.72
CA ASP B 198 -8.82 -10.84 -7.61
C ASP B 198 -7.46 -10.79 -6.94
N ILE B 199 -6.70 -9.72 -7.20
CA ILE B 199 -5.42 -9.56 -6.53
C ILE B 199 -5.63 -9.28 -5.04
N ASP B 200 -6.64 -8.47 -4.71
CA ASP B 200 -6.95 -8.20 -3.32
C ASP B 200 -7.24 -9.48 -2.56
N ARG B 201 -7.89 -10.42 -3.23
CA ARG B 201 -8.31 -11.67 -2.63
C ARG B 201 -7.19 -12.70 -2.55
N LEU B 202 -6.52 -12.93 -3.69
CA LEU B 202 -5.57 -14.02 -3.84
C LEU B 202 -4.16 -13.65 -3.42
N GLY B 203 -3.79 -12.40 -3.68
CA GLY B 203 -2.41 -11.94 -3.53
C GLY B 203 -1.68 -12.18 -4.82
N ILE B 204 -0.67 -11.36 -5.09
CA ILE B 204 -0.01 -11.40 -6.39
C ILE B 204 0.74 -12.72 -6.63
N GLN B 205 1.21 -13.37 -5.58
CA GLN B 205 1.91 -14.65 -5.77
C GLN B 205 0.99 -15.67 -6.43
N LYS B 206 -0.20 -15.84 -5.87
CA LYS B 206 -1.14 -16.82 -6.41
C LYS B 206 -1.64 -16.41 -7.79
N VAL B 207 -1.74 -15.10 -8.02
CA VAL B 207 -2.18 -14.61 -9.32
C VAL B 207 -1.17 -15.04 -10.40
N MET B 208 0.11 -14.90 -10.11
CA MET B 208 1.11 -15.29 -11.11
C MET B 208 1.15 -16.80 -11.29
N GLU B 209 1.02 -17.52 -10.18
CA GLU B 209 0.99 -18.98 -10.25
C GLU B 209 -0.14 -19.45 -11.14
N ARG B 210 -1.33 -18.89 -10.94
CA ARG B 210 -2.48 -19.31 -11.71
C ARG B 210 -2.40 -18.85 -13.17
N THR B 211 -1.80 -17.69 -13.41
CA THR B 211 -1.61 -17.19 -14.76
C THR B 211 -0.76 -18.17 -15.55
N PHE B 212 0.33 -18.59 -14.94
CA PHE B 212 1.24 -19.51 -15.63
C PHE B 212 0.62 -20.91 -15.77
N ASP B 213 -0.14 -21.35 -14.77
CA ASP B 213 -0.83 -22.62 -14.95
CA ASP B 213 -0.89 -22.61 -14.91
C ASP B 213 -1.80 -22.60 -16.14
N LEU B 214 -2.50 -21.49 -16.34
CA LEU B 214 -3.42 -21.35 -17.47
C LEU B 214 -2.71 -21.35 -18.82
N LEU B 215 -1.56 -20.67 -18.88
CA LEU B 215 -0.89 -20.44 -20.15
C LEU B 215 0.16 -21.49 -20.49
N ILE B 216 0.98 -21.87 -19.53
CA ILE B 216 2.14 -22.74 -19.79
C ILE B 216 2.16 -23.92 -18.82
N GLY B 217 0.99 -24.26 -18.29
CA GLY B 217 0.91 -25.29 -17.28
C GLY B 217 1.29 -26.65 -17.84
N LYS B 218 1.03 -26.85 -19.12
CA LYS B 218 1.29 -28.16 -19.70
C LYS B 218 2.26 -28.15 -20.87
N ARG B 219 2.62 -26.97 -21.35
CA ARG B 219 3.64 -26.87 -22.39
C ARG B 219 4.36 -25.54 -22.30
N GLN B 220 5.62 -25.51 -22.70
CA GLN B 220 6.40 -24.28 -22.73
C GLN B 220 6.02 -23.44 -23.93
N ARG B 221 5.89 -22.13 -23.74
CA ARG B 221 5.50 -21.25 -24.84
C ARG B 221 6.24 -19.95 -24.67
N PRO B 222 6.63 -19.31 -25.78
CA PRO B 222 7.20 -17.96 -25.64
C PRO B 222 6.16 -17.00 -25.08
N ILE B 223 6.60 -16.16 -24.14
CA ILE B 223 5.69 -15.22 -23.51
C ILE B 223 5.81 -13.83 -24.12
N HIS B 224 4.66 -13.23 -24.39
CA HIS B 224 4.58 -11.83 -24.80
C HIS B 224 3.96 -11.07 -23.65
N LEU B 225 4.76 -10.21 -23.01
CA LEU B 225 4.28 -9.39 -21.90
C LEU B 225 3.92 -8.02 -22.44
N SER B 226 2.62 -7.69 -22.45
CA SER B 226 2.20 -6.37 -22.93
C SER B 226 1.79 -5.58 -21.71
N PHE B 227 2.64 -4.62 -21.32
CA PHE B 227 2.51 -3.96 -20.04
C PHE B 227 2.16 -2.48 -20.26
N ASP B 228 0.93 -2.11 -19.91
CA ASP B 228 0.45 -0.72 -19.95
C ASP B 228 0.82 -0.11 -18.61
N ILE B 229 1.57 0.98 -18.63
CA ILE B 229 2.01 1.61 -17.40
C ILE B 229 0.83 2.01 -16.52
N ASP B 230 -0.38 2.00 -17.16
CA ASP B 230 -1.46 2.50 -16.31
C ASP B 230 -2.06 1.41 -15.44
N ALA B 231 -1.44 0.20 -15.53
CA ALA B 231 -1.74 -0.87 -14.57
C ALA B 231 -1.38 -0.44 -13.15
N PHE B 232 -0.32 0.37 -13.04
CA PHE B 232 0.10 0.88 -11.74
C PHE B 232 -0.85 1.96 -11.23
N ASP B 233 -0.96 2.08 -9.92
CA ASP B 233 -1.72 3.18 -9.34
C ASP B 233 -1.20 4.51 -9.87
N PRO B 234 -2.12 5.46 -10.13
CA PRO B 234 -1.71 6.77 -10.65
C PRO B 234 -0.76 7.52 -9.71
N THR B 235 -0.73 7.22 -8.41
CA THR B 235 0.27 7.85 -7.55
C THR B 235 1.69 7.47 -7.96
N LEU B 236 1.84 6.29 -8.56
CA LEU B 236 3.14 5.77 -8.97
C LEU B 236 3.46 6.07 -10.43
N ALA B 237 2.42 6.07 -11.26
CA ALA B 237 2.56 6.30 -12.70
C ALA B 237 1.59 7.37 -13.17
N PRO B 238 1.83 8.63 -12.77
CA PRO B 238 0.89 9.68 -13.13
C PRO B 238 0.95 10.06 -14.60
N ALA B 239 2.10 9.88 -15.26
CA ALA B 239 2.26 10.39 -16.61
C ALA B 239 1.73 9.39 -17.61
N THR B 240 0.40 9.37 -17.75
CA THR B 240 -0.27 8.41 -18.63
C THR B 240 -1.68 8.95 -18.92
N GLY B 241 -2.23 8.54 -20.05
CA GLY B 241 -3.44 9.17 -20.58
C GLY B 241 -4.77 8.77 -19.97
N THR B 242 -4.80 7.60 -19.44
CA THR B 242 -6.04 7.11 -18.85
C THR B 242 -5.78 6.56 -17.45
N PRO B 243 -5.43 7.30 -16.54
CA PRO B 243 -5.19 6.78 -15.20
C PRO B 243 -6.49 6.36 -14.51
N VAL B 244 -6.38 5.31 -13.69
CA VAL B 244 -7.52 4.81 -12.92
C VAL B 244 -7.07 4.52 -11.49
N VAL B 245 -7.73 5.13 -10.51
CA VAL B 245 -7.33 4.92 -9.13
C VAL B 245 -7.41 3.45 -8.71
N GLY B 246 -6.57 3.08 -7.75
CA GLY B 246 -6.62 1.75 -7.15
C GLY B 246 -5.84 0.69 -7.89
N GLY B 247 -4.66 1.05 -8.37
CA GLY B 247 -3.88 0.12 -9.18
C GLY B 247 -2.85 -0.72 -8.45
N LEU B 248 -2.00 -1.39 -9.23
CA LEU B 248 -0.90 -2.17 -8.68
C LEU B 248 0.00 -1.29 -7.82
N THR B 249 0.52 -1.88 -6.76
CA THR B 249 1.60 -1.23 -6.03
C THR B 249 2.92 -1.44 -6.77
N TYR B 250 3.94 -0.70 -6.35
CA TYR B 250 5.27 -0.86 -6.91
C TYR B 250 5.74 -2.31 -6.74
N ARG B 251 5.57 -2.83 -5.52
CA ARG B 251 6.01 -4.18 -5.20
C ARG B 251 5.28 -5.23 -6.02
N GLU B 252 3.98 -5.03 -6.25
CA GLU B 252 3.23 -5.98 -7.06
C GLU B 252 3.74 -5.99 -8.50
N GLY B 253 4.05 -4.81 -9.04
CA GLY B 253 4.54 -4.71 -10.40
C GLY B 253 5.89 -5.39 -10.54
N MET B 254 6.76 -5.20 -9.55
CA MET B 254 8.05 -5.88 -9.58
C MET B 254 7.87 -7.38 -9.49
N TYR B 255 6.92 -7.83 -8.66
CA TYR B 255 6.70 -9.26 -8.52
C TYR B 255 6.24 -9.90 -9.84
N ILE B 256 5.31 -9.23 -10.53
CA ILE B 256 4.84 -9.71 -11.83
C ILE B 256 6.03 -9.88 -12.77
N ALA B 257 6.87 -8.85 -12.84
CA ALA B 257 8.01 -8.86 -13.77
C ALA B 257 9.00 -9.95 -13.38
N GLU B 258 9.24 -10.12 -12.08
CA GLU B 258 10.15 -11.15 -11.58
C GLU B 258 9.66 -12.53 -11.98
N GLU B 259 8.37 -12.76 -11.85
CA GLU B 259 7.80 -14.06 -12.23
C GLU B 259 7.87 -14.30 -13.72
N ILE B 260 7.65 -13.24 -14.51
CA ILE B 260 7.85 -13.33 -15.95
C ILE B 260 9.31 -13.75 -16.23
N HIS B 261 10.27 -13.08 -15.60
CA HIS B 261 11.65 -13.49 -15.82
C HIS B 261 11.91 -14.93 -15.40
N ASN B 262 11.32 -15.32 -14.26
CA ASN B 262 11.60 -16.64 -13.70
C ASN B 262 11.10 -17.79 -14.56
N THR B 263 10.17 -17.51 -15.47
CA THR B 263 9.71 -18.57 -16.40
C THR B 263 10.80 -18.96 -17.38
N GLY B 264 11.72 -18.03 -17.63
CA GLY B 264 12.72 -18.21 -18.68
C GLY B 264 12.17 -18.12 -20.11
N LEU B 265 10.91 -17.72 -20.26
CA LEU B 265 10.24 -17.77 -21.56
C LEU B 265 9.93 -16.40 -22.17
N LEU B 266 10.32 -15.31 -21.52
CA LEU B 266 9.99 -14.00 -22.07
C LEU B 266 10.61 -13.83 -23.44
N SER B 267 9.79 -13.51 -24.43
CA SER B 267 10.25 -13.43 -25.82
C SER B 267 10.02 -12.03 -26.40
N ALA B 268 8.97 -11.34 -25.94
CA ALA B 268 8.78 -9.94 -26.34
C ALA B 268 8.06 -9.21 -25.22
N LEU B 269 8.34 -7.92 -25.11
CA LEU B 269 7.74 -7.09 -24.06
C LEU B 269 7.35 -5.77 -24.67
N ASP B 270 6.13 -5.30 -24.39
CA ASP B 270 5.74 -3.95 -24.74
C ASP B 270 5.65 -3.16 -23.46
N LEU B 271 6.18 -1.94 -23.46
CA LEU B 271 5.98 -1.04 -22.33
C LEU B 271 5.35 0.23 -22.88
N VAL B 272 4.04 0.36 -22.70
CA VAL B 272 3.28 1.37 -23.41
C VAL B 272 2.61 2.40 -22.49
N GLU B 273 2.21 3.50 -23.13
CA GLU B 273 1.35 4.53 -22.56
C GLU B 273 2.02 5.50 -21.58
N VAL B 274 3.36 5.48 -21.50
CA VAL B 274 4.06 6.57 -20.81
C VAL B 274 3.92 7.84 -21.62
N ASN B 275 3.26 8.86 -21.06
CA ASN B 275 3.10 10.14 -21.76
C ASN B 275 3.66 11.24 -20.86
N PRO B 276 4.91 11.64 -21.12
CA PRO B 276 5.55 12.56 -20.19
C PRO B 276 4.87 13.92 -20.17
N GLN B 277 4.20 14.31 -21.24
CA GLN B 277 3.55 15.62 -21.30
C GLN B 277 2.34 15.75 -20.38
N LEU B 278 1.87 14.64 -19.83
CA LEU B 278 0.68 14.66 -18.97
C LEU B 278 1.03 14.77 -17.49
N ALA B 279 2.32 14.72 -17.18
CA ALA B 279 2.78 14.91 -15.81
C ALA B 279 2.59 16.37 -15.45
N THR B 280 2.28 16.66 -14.18
CA THR B 280 2.12 18.05 -13.74
C THR B 280 3.46 18.65 -13.34
N SER B 281 4.49 17.82 -13.30
CA SER B 281 5.83 18.27 -12.95
C SER B 281 6.87 17.38 -13.59
N GLU B 282 8.12 17.85 -13.63
CA GLU B 282 9.19 17.02 -14.15
C GLU B 282 9.35 15.76 -13.32
N GLU B 283 9.22 15.90 -12.00
CA GLU B 283 9.35 14.74 -11.12
C GLU B 283 8.32 13.67 -11.45
N GLU B 284 7.08 14.09 -11.71
CA GLU B 284 6.03 13.13 -12.07
C GLU B 284 6.39 12.40 -13.34
N ALA B 285 6.93 13.14 -14.32
CA ALA B 285 7.28 12.50 -15.60
C ALA B 285 8.44 11.53 -15.39
N LYS B 286 9.45 11.98 -14.65
CA LYS B 286 10.61 11.13 -14.45
C LYS B 286 10.32 9.92 -13.58
N THR B 287 9.47 10.04 -12.57
CA THR B 287 9.17 8.87 -11.76
CA THR B 287 9.15 8.86 -11.77
C THR B 287 8.44 7.82 -12.61
N THR B 288 7.61 8.29 -13.55
CA THR B 288 6.85 7.35 -14.40
C THR B 288 7.80 6.62 -15.33
N ALA B 289 8.75 7.36 -15.91
CA ALA B 289 9.75 6.72 -16.76
C ALA B 289 10.67 5.78 -15.97
N ASN B 290 11.04 6.18 -14.76
CA ASN B 290 11.87 5.34 -13.90
C ASN B 290 11.17 4.03 -13.61
N LEU B 291 9.86 4.11 -13.39
CA LEU B 291 9.07 2.94 -13.08
C LEU B 291 9.03 1.99 -14.28
N ALA B 292 8.88 2.57 -15.48
CA ALA B 292 8.91 1.80 -16.71
C ALA B 292 10.22 1.02 -16.84
N VAL B 293 11.34 1.70 -16.58
CA VAL B 293 12.64 1.05 -16.62
C VAL B 293 12.74 -0.07 -15.58
N ASP B 294 12.25 0.15 -14.36
CA ASP B 294 12.26 -0.90 -13.35
C ASP B 294 11.47 -2.14 -13.82
N VAL B 295 10.33 -1.92 -14.47
CA VAL B 295 9.54 -3.05 -14.97
C VAL B 295 10.33 -3.86 -16.00
N ILE B 296 10.94 -3.16 -16.95
CA ILE B 296 11.66 -3.84 -18.00
C ILE B 296 12.88 -4.57 -17.44
N ALA B 297 13.63 -3.90 -16.57
CA ALA B 297 14.81 -4.54 -15.99
C ALA B 297 14.44 -5.76 -15.17
N SER B 298 13.37 -5.67 -14.38
CA SER B 298 12.93 -6.79 -13.58
CA SER B 298 12.94 -6.79 -13.58
C SER B 298 12.49 -7.95 -14.48
N SER B 299 11.85 -7.63 -15.59
CA SER B 299 11.40 -8.66 -16.54
C SER B 299 12.56 -9.42 -17.17
N PHE B 300 13.73 -8.81 -17.17
CA PHE B 300 14.95 -9.43 -17.72
C PHE B 300 15.95 -9.80 -16.65
N GLY B 301 15.52 -9.80 -15.39
CA GLY B 301 16.30 -10.50 -14.38
C GLY B 301 16.80 -9.71 -13.19
N GLN B 302 16.52 -8.41 -13.16
CA GLN B 302 16.94 -7.66 -11.98
C GLN B 302 16.15 -8.18 -10.78
N THR B 303 16.86 -8.44 -9.69
CA THR B 303 16.26 -9.00 -8.48
C THR B 303 16.30 -7.98 -7.35
N ARG B 304 15.56 -8.28 -6.29
CA ARG B 304 15.59 -7.47 -5.08
C ARG B 304 16.36 -8.18 -3.97
N GLU B 305 17.27 -9.09 -4.33
CA GLU B 305 18.05 -9.76 -3.30
C GLU B 305 19.54 -9.91 -3.67
N GLY B 306 19.97 -9.24 -4.73
CA GLY B 306 21.37 -9.22 -5.07
C GLY B 306 21.74 -10.39 -5.96
N HIS C 1 9.02 -2.79 34.19
CA HIS C 1 10.00 -2.92 33.11
C HIS C 1 10.82 -1.65 32.95
N SER C 2 12.14 -1.81 32.90
CA SER C 2 13.05 -0.67 32.84
C SER C 2 13.76 -0.59 31.48
N VAL C 3 13.81 0.62 30.93
CA VAL C 3 14.38 0.83 29.60
C VAL C 3 15.41 1.94 29.68
N ALA C 4 16.62 1.64 29.18
CA ALA C 4 17.66 2.64 29.04
C ALA C 4 17.58 3.23 27.64
N VAL C 5 17.68 4.55 27.54
CA VAL C 5 17.73 5.20 26.23
C VAL C 5 19.09 5.82 26.07
N ILE C 6 19.80 5.41 25.01
CA ILE C 6 21.15 5.88 24.76
C ILE C 6 21.21 6.56 23.41
N GLY C 7 21.63 7.82 23.38
CA GLY C 7 21.83 8.49 22.12
C GLY C 7 23.24 8.23 21.63
N ALA C 8 23.38 7.72 20.41
CA ALA C 8 24.69 7.44 19.83
C ALA C 8 24.83 8.17 18.50
N PRO C 9 25.24 9.44 18.54
CA PRO C 9 25.28 10.26 17.33
C PRO C 9 26.45 9.88 16.38
N PHE C 10 26.48 8.63 15.95
CA PHE C 10 27.48 8.16 15.00
C PHE C 10 27.23 8.77 13.65
N SER C 11 28.24 9.34 13.00
CA SER C 11 28.12 9.66 11.58
C SER C 11 29.27 9.12 10.74
N GLN C 12 30.35 8.69 11.38
CA GLN C 12 31.55 8.37 10.63
C GLN C 12 31.56 6.97 9.99
N GLY C 13 30.48 6.23 10.18
CA GLY C 13 30.31 4.98 9.45
C GLY C 13 29.84 5.20 8.02
N GLN C 14 29.66 6.46 7.62
CA GLN C 14 29.24 6.79 6.27
C GLN C 14 29.66 8.23 5.94
N LYS C 15 29.20 8.75 4.80
CA LYS C 15 29.77 10.02 4.32
C LYS C 15 28.82 11.22 4.34
N ARG C 16 27.54 10.98 4.54
CA ARG C 16 26.58 12.08 4.47
C ARG C 16 26.42 12.79 5.81
N LYS C 17 26.49 14.11 5.78
CA LYS C 17 26.31 14.90 7.00
C LYS C 17 24.88 14.85 7.50
N GLY C 18 24.74 14.76 8.82
CA GLY C 18 23.46 15.01 9.46
C GLY C 18 22.91 13.89 10.33
N VAL C 19 23.36 12.67 10.09
CA VAL C 19 22.77 11.52 10.77
C VAL C 19 23.09 11.55 12.27
N GLU C 20 24.12 12.31 12.63
CA GLU C 20 24.41 12.49 14.05
C GLU C 20 23.30 13.25 14.78
N HIS C 21 22.40 13.88 14.03
CA HIS C 21 21.27 14.58 14.65
C HIS C 21 20.02 13.71 14.77
N GLY C 22 20.11 12.45 14.32
CA GLY C 22 19.01 11.51 14.49
C GLY C 22 18.49 11.36 15.92
N PRO C 23 19.38 11.19 16.91
CA PRO C 23 18.87 10.98 18.26
C PRO C 23 18.04 12.17 18.77
N ALA C 24 18.52 13.38 18.53
CA ALA C 24 17.77 14.57 18.93
C ALA C 24 16.42 14.63 18.22
N ALA C 25 16.40 14.29 16.93
CA ALA C 25 15.15 14.31 16.17
C ALA C 25 14.14 13.33 16.75
N ILE C 26 14.61 12.13 17.09
CA ILE C 26 13.72 11.12 17.66
C ILE C 26 13.20 11.54 19.03
N ARG C 27 14.05 12.17 19.83
CA ARG C 27 13.55 12.65 21.09
C ARG C 27 12.54 13.77 20.94
N GLU C 28 12.84 14.67 20.03
CA GLU C 28 11.92 15.79 19.80
C GLU C 28 10.57 15.30 19.33
N ALA C 29 10.54 14.12 18.72
CA ALA C 29 9.30 13.53 18.25
C ALA C 29 8.49 12.86 19.37
N GLY C 30 8.96 12.95 20.60
CA GLY C 30 8.18 12.52 21.76
C GLY C 30 8.45 11.13 22.29
N LEU C 31 9.63 10.59 21.99
CA LEU C 31 9.97 9.23 22.41
C LEU C 31 9.79 8.96 23.90
N MET C 32 10.33 9.82 24.75
CA MET C 32 10.31 9.51 26.18
C MET C 32 8.89 9.46 26.75
N LYS C 33 8.05 10.40 26.38
CA LYS C 33 6.66 10.41 26.83
CA LYS C 33 6.67 10.39 26.85
C LYS C 33 5.93 9.14 26.38
N ARG C 34 6.17 8.76 25.13
CA ARG C 34 5.51 7.57 24.59
C ARG C 34 5.89 6.31 25.37
N LEU C 35 7.17 6.19 25.72
CA LEU C 35 7.62 5.04 26.49
C LEU C 35 7.09 5.08 27.92
N SER C 36 7.13 6.24 28.55
CA SER C 36 6.58 6.37 29.88
CA SER C 36 6.58 6.40 29.88
C SER C 36 5.12 5.98 29.91
N SER C 37 4.37 6.40 28.89
CA SER C 37 2.94 6.14 28.86
C SER C 37 2.64 4.65 28.84
N LEU C 38 3.56 3.85 28.31
CA LEU C 38 3.36 2.41 28.25
C LEU C 38 3.67 1.74 29.58
N GLY C 39 4.25 2.49 30.51
CA GLY C 39 4.62 1.95 31.80
C GLY C 39 6.10 1.66 31.94
N CYS C 40 6.91 2.14 30.98
CA CYS C 40 8.34 1.93 31.06
C CYS C 40 8.97 2.87 32.07
N HIS C 41 9.78 2.30 32.96
CA HIS C 41 10.66 3.09 33.82
C HIS C 41 11.92 3.42 33.03
N LEU C 42 12.27 4.69 32.96
CA LEU C 42 13.30 5.16 32.03
C LEU C 42 14.59 5.65 32.68
N LYS C 43 15.73 5.26 32.10
CA LYS C 43 17.00 5.90 32.38
C LYS C 43 17.53 6.50 31.10
N ASP C 44 17.63 7.83 31.06
CA ASP C 44 18.13 8.51 29.88
C ASP C 44 19.63 8.79 30.02
N PHE C 45 20.42 8.20 29.13
CA PHE C 45 21.88 8.38 29.16
C PHE C 45 22.31 9.60 28.39
N GLY C 46 21.34 10.30 27.81
CA GLY C 46 21.62 11.43 26.93
C GLY C 46 22.32 10.98 25.65
N ASP C 47 22.84 11.96 24.91
CA ASP C 47 23.67 11.68 23.74
C ASP C 47 25.12 11.52 24.19
N LEU C 48 25.70 10.36 23.91
CA LEU C 48 27.09 10.11 24.27
C LEU C 48 28.05 10.97 23.46
N SER C 49 29.17 11.35 24.07
CA SER C 49 30.25 12.00 23.35
C SER C 49 31.38 11.01 23.15
N PHE C 50 31.66 10.67 21.90
CA PHE C 50 32.68 9.67 21.64
C PHE C 50 34.05 10.31 21.44
N THR C 51 35.08 9.61 21.90
CA THR C 51 36.45 10.08 21.81
C THR C 51 36.91 10.10 20.35
N PRO C 52 37.33 11.27 19.85
CA PRO C 52 37.85 11.32 18.49
C PRO C 52 39.23 10.68 18.39
N VAL C 53 39.61 10.29 17.18
CA VAL C 53 40.93 9.76 16.91
C VAL C 53 41.59 10.65 15.88
N PRO C 54 42.69 11.33 16.26
CA PRO C 54 43.41 12.20 15.34
C PRO C 54 44.02 11.43 14.16
N LYS C 55 44.01 12.03 12.98
CA LYS C 55 44.67 11.48 11.79
C LYS C 55 44.12 10.10 11.47
N ASP C 56 42.81 9.95 11.50
CA ASP C 56 42.21 8.64 11.28
C ASP C 56 42.13 8.39 9.79
N ASP C 57 43.29 8.10 9.19
CA ASP C 57 43.40 7.96 7.75
C ASP C 57 42.67 6.73 7.23
N LEU C 58 42.34 6.76 5.94
CA LEU C 58 41.70 5.63 5.29
C LEU C 58 42.51 4.36 5.51
N TYR C 59 41.80 3.27 5.72
CA TYR C 59 42.43 1.95 5.74
C TYR C 59 42.41 1.37 4.34
N ASN C 60 43.58 0.92 3.87
CA ASN C 60 43.70 0.33 2.54
C ASN C 60 43.32 1.32 1.44
N ASN C 61 43.32 2.61 1.78
CA ASN C 61 42.98 3.65 0.82
C ASN C 61 41.49 3.73 0.47
N LEU C 62 40.68 2.99 1.22
CA LEU C 62 39.26 2.85 0.90
C LEU C 62 38.46 3.09 2.17
N ILE C 63 38.66 2.29 3.33
CA ILE C 63 37.75 2.16 4.46
C ILE C 63 37.75 3.42 5.31
N VAL C 64 36.67 4.08 5.43
CA VAL C 64 36.52 5.42 5.98
C VAL C 64 36.46 5.42 7.53
N ASN C 65 37.27 6.29 8.14
CA ASN C 65 37.22 6.51 9.59
C ASN C 65 37.30 5.23 10.45
N PRO C 66 38.21 4.29 10.13
CA PRO C 66 38.17 3.02 10.87
C PRO C 66 38.46 3.13 12.37
N ARG C 67 39.44 3.93 12.76
CA ARG C 67 39.74 4.04 14.18
C ARG C 67 38.65 4.76 14.96
N SER C 68 38.04 5.77 14.34
CA SER C 68 36.95 6.51 14.98
C SER C 68 35.73 5.62 15.20
N VAL C 69 35.38 4.84 14.17
CA VAL C 69 34.24 3.92 14.27
C VAL C 69 34.55 2.81 15.28
N GLY C 70 35.79 2.33 15.26
CA GLY C 70 36.18 1.27 16.18
C GLY C 70 36.14 1.73 17.63
N LEU C 71 36.66 2.92 17.88
CA LEU C 71 36.74 3.41 19.26
C LEU C 71 35.36 3.81 19.78
N ALA C 72 34.57 4.47 18.93
CA ALA C 72 33.23 4.86 19.35
C ALA C 72 32.43 3.61 19.70
N ASN C 73 32.60 2.56 18.90
CA ASN C 73 31.87 1.32 19.17
C ASN C 73 32.35 0.64 20.44
N GLN C 74 33.65 0.72 20.70
CA GLN C 74 34.15 0.13 21.96
C GLN C 74 33.56 0.85 23.17
N GLU C 75 33.46 2.17 23.07
CA GLU C 75 32.90 2.98 24.15
C GLU C 75 31.42 2.71 24.31
N LEU C 76 30.71 2.64 23.18
CA LEU C 76 29.29 2.35 23.21
C LEU C 76 29.03 0.98 23.83
N ALA C 77 29.84 0.00 23.46
CA ALA C 77 29.69 -1.36 23.97
C ALA C 77 29.76 -1.41 25.49
N GLU C 78 30.64 -0.60 26.07
CA GLU C 78 30.76 -0.56 27.54
C GLU C 78 29.48 -0.03 28.18
N VAL C 79 28.89 0.99 27.57
CA VAL C 79 27.66 1.58 28.10
C VAL C 79 26.50 0.59 28.00
N VAL C 80 26.35 -0.03 26.83
CA VAL C 80 25.28 -1.00 26.62
C VAL C 80 25.44 -2.18 27.56
N SER C 81 26.68 -2.67 27.70
CA SER C 81 26.95 -3.80 28.57
C SER C 81 26.58 -3.48 30.00
N ARG C 82 26.93 -2.28 30.46
CA ARG C 82 26.62 -1.87 31.83
C ARG C 82 25.11 -1.76 32.04
N ALA C 83 24.43 -1.17 31.06
CA ALA C 83 22.99 -0.98 31.13
C ALA C 83 22.23 -2.31 31.18
N VAL C 84 22.63 -3.25 30.31
CA VAL C 84 22.00 -4.56 30.28
C VAL C 84 22.26 -5.31 31.60
N SER C 85 23.47 -5.20 32.14
CA SER C 85 23.75 -5.91 33.39
C SER C 85 23.03 -5.29 34.57
N ASP C 86 22.68 -4.02 34.46
CA ASP C 86 21.88 -3.34 35.50
C ASP C 86 20.40 -3.64 35.35
N GLY C 87 20.04 -4.40 34.32
CA GLY C 87 18.67 -4.86 34.15
C GLY C 87 17.81 -4.07 33.17
N TYR C 88 18.42 -3.19 32.38
CA TYR C 88 17.65 -2.40 31.42
C TYR C 88 17.54 -3.07 30.07
N SER C 89 16.35 -2.97 29.46
CA SER C 89 16.24 -3.18 28.02
C SER C 89 16.85 -1.94 27.39
N CYS C 90 17.71 -2.13 26.40
CA CYS C 90 18.53 -1.05 25.90
CA CYS C 90 18.53 -1.04 25.87
C CYS C 90 18.07 -0.51 24.54
N VAL C 91 17.62 0.74 24.52
CA VAL C 91 17.28 1.40 23.26
C VAL C 91 18.42 2.34 22.88
N THR C 92 19.03 2.09 21.73
CA THR C 92 20.08 2.97 21.21
C THR C 92 19.58 3.69 19.98
N LEU C 93 19.64 5.02 20.04
CA LEU C 93 19.23 5.84 18.91
C LEU C 93 20.45 6.24 18.09
N GLY C 94 20.40 5.96 16.78
CA GLY C 94 21.45 6.42 15.88
C GLY C 94 21.14 7.73 15.18
N GLY C 95 22.08 8.23 14.38
CA GLY C 95 23.38 7.60 14.18
C GLY C 95 23.34 6.57 13.08
N ASP C 96 24.49 6.36 12.42
CA ASP C 96 24.57 5.40 11.33
C ASP C 96 24.67 3.96 11.87
N HIS C 97 24.40 2.99 11.00
CA HIS C 97 24.28 1.60 11.44
C HIS C 97 25.58 0.95 11.89
N SER C 98 26.72 1.60 11.69
CA SER C 98 27.96 1.01 12.20
C SER C 98 27.92 0.85 13.73
N LEU C 99 27.02 1.59 14.38
CA LEU C 99 26.88 1.53 15.84
C LEU C 99 26.41 0.16 16.33
N ALA C 100 25.83 -0.65 15.45
CA ALA C 100 25.37 -1.98 15.85
C ALA C 100 26.54 -2.88 16.24
N ILE C 101 27.74 -2.58 15.72
CA ILE C 101 28.92 -3.32 16.18
C ILE C 101 29.05 -3.17 17.69
N GLY C 102 28.95 -1.93 18.17
CA GLY C 102 28.99 -1.66 19.59
C GLY C 102 27.80 -2.18 20.38
N THR C 103 26.58 -1.97 19.89
CA THR C 103 25.43 -2.35 20.70
C THR C 103 25.32 -3.88 20.83
N ILE C 104 25.58 -4.59 19.74
CA ILE C 104 25.46 -6.03 19.76
C ILE C 104 26.61 -6.64 20.55
N SER C 105 27.82 -6.09 20.40
CA SER C 105 28.95 -6.54 21.24
C SER C 105 28.68 -6.35 22.73
N GLY C 106 28.21 -5.17 23.11
CA GLY C 106 27.91 -4.89 24.50
C GLY C 106 26.82 -5.78 25.05
N HIS C 107 25.78 -5.98 24.25
CA HIS C 107 24.64 -6.81 24.61
C HIS C 107 25.08 -8.25 24.83
N ALA C 108 25.90 -8.75 23.91
CA ALA C 108 26.31 -10.16 23.93
C ALA C 108 27.23 -10.46 25.09
N ARG C 109 27.87 -9.43 25.64
CA ARG C 109 28.81 -9.62 26.74
C ARG C 109 28.14 -10.28 27.95
N HIS C 110 26.89 -9.90 28.22
CA HIS C 110 26.14 -10.50 29.33
C HIS C 110 25.05 -11.45 28.85
N CYS C 111 24.73 -11.38 27.56
CA CYS C 111 23.70 -12.25 26.99
C CYS C 111 24.24 -13.00 25.79
N PRO C 112 25.12 -13.97 26.03
CA PRO C 112 25.81 -14.67 24.93
C PRO C 112 24.88 -15.44 23.99
N ASP C 113 23.69 -15.80 24.46
CA ASP C 113 22.77 -16.56 23.63
C ASP C 113 21.77 -15.66 22.92
N LEU C 114 22.07 -14.37 22.82
CA LEU C 114 21.15 -13.46 22.12
C LEU C 114 20.97 -13.84 20.64
N CYS C 115 19.81 -13.49 20.09
CA CYS C 115 19.61 -13.60 18.65
C CYS C 115 19.30 -12.20 18.12
N VAL C 116 19.39 -12.02 16.81
CA VAL C 116 19.31 -10.70 16.20
C VAL C 116 18.28 -10.71 15.10
N VAL C 117 17.33 -9.78 15.17
CA VAL C 117 16.43 -9.50 14.04
C VAL C 117 16.87 -8.18 13.43
N TRP C 118 17.31 -8.24 12.17
CA TRP C 118 17.92 -7.10 11.48
C TRP C 118 16.93 -6.63 10.41
N VAL C 119 16.28 -5.49 10.67
CA VAL C 119 15.24 -4.99 9.77
C VAL C 119 15.81 -3.86 8.93
N ASP C 120 15.87 -4.02 7.60
CA ASP C 120 16.74 -3.15 6.80
C ASP C 120 16.49 -3.41 5.31
N ALA C 121 16.67 -2.38 4.48
CA ALA C 121 16.67 -2.58 3.04
C ALA C 121 17.94 -3.28 2.59
N HIS C 122 18.95 -3.23 3.46
CA HIS C 122 20.31 -3.67 3.14
C HIS C 122 20.75 -4.78 4.08
N ALA C 123 21.70 -5.60 3.64
CA ALA C 123 22.20 -6.68 4.48
C ALA C 123 23.36 -6.26 5.40
N ASP C 124 24.01 -5.14 5.07
CA ASP C 124 25.06 -4.59 5.95
C ASP C 124 26.12 -5.64 6.30
N ILE C 125 26.45 -6.49 5.33
CA ILE C 125 27.30 -7.64 5.61
C ILE C 125 28.52 -7.67 4.68
N ASN C 126 28.81 -6.56 4.01
CA ASN C 126 30.10 -6.47 3.34
C ASN C 126 31.24 -6.55 4.35
N THR C 127 32.40 -7.02 3.91
CA THR C 127 33.59 -7.04 4.74
C THR C 127 34.50 -5.96 4.18
N PRO C 128 35.61 -5.65 4.89
CA PRO C 128 36.55 -4.69 4.32
C PRO C 128 37.13 -5.12 2.98
N LEU C 129 37.02 -6.40 2.63
CA LEU C 129 37.51 -6.90 1.35
C LEU C 129 36.45 -6.88 0.26
N THR C 130 35.08 -6.69 0.66
CA THR C 130 34.10 -6.65 -0.41
C THR C 130 33.42 -5.31 -0.64
N THR C 131 33.49 -4.50 0.36
CA THR C 131 32.81 -3.21 0.20
C THR C 131 33.29 -2.43 -1.00
N SER C 132 32.37 -1.80 -1.73
CA SER C 132 32.76 -0.92 -2.81
C SER C 132 32.64 0.55 -2.42
N SER C 133 32.07 0.81 -1.24
CA SER C 133 31.89 2.18 -0.78
C SER C 133 32.95 2.58 0.24
N GLY C 134 33.40 1.61 1.02
CA GLY C 134 34.35 1.87 2.09
C GLY C 134 33.64 2.32 3.35
N ASN C 135 32.31 2.39 3.32
CA ASN C 135 31.56 2.89 4.47
C ASN C 135 31.22 1.79 5.47
N LEU C 136 31.66 1.95 6.71
CA LEU C 136 31.50 0.92 7.73
C LEU C 136 30.04 0.62 8.08
N HIS C 137 29.12 1.54 7.80
CA HIS C 137 27.72 1.23 8.11
C HIS C 137 27.14 0.14 7.21
N GLY C 138 27.86 -0.22 6.14
CA GLY C 138 27.41 -1.27 5.24
C GLY C 138 28.16 -2.57 5.46
N GLN C 139 28.89 -2.62 6.58
CA GLN C 139 29.70 -3.76 7.00
C GLN C 139 29.49 -4.33 8.41
N PRO C 140 28.63 -3.76 9.24
CA PRO C 140 28.67 -4.14 10.66
C PRO C 140 28.53 -5.63 10.94
N VAL C 141 27.69 -6.31 10.17
CA VAL C 141 27.38 -7.70 10.44
C VAL C 141 28.60 -8.59 10.24
N SER C 142 29.49 -8.23 9.31
CA SER C 142 30.65 -9.07 9.03
C SER C 142 31.58 -9.19 10.23
N PHE C 143 31.59 -8.18 11.09
CA PHE C 143 32.47 -8.17 12.25
C PHE C 143 31.90 -8.98 13.41
N LEU C 144 30.62 -9.32 13.31
CA LEU C 144 29.89 -9.88 14.44
C LEU C 144 29.67 -11.39 14.34
N LEU C 145 29.72 -11.92 13.12
CA LEU C 145 29.40 -13.33 12.87
C LEU C 145 30.63 -14.22 12.95
N ARG C 146 30.56 -15.23 13.81
CA ARG C 146 31.69 -16.11 14.05
CA ARG C 146 31.67 -16.14 14.06
C ARG C 146 32.18 -16.78 12.77
N GLU C 147 31.26 -17.29 11.96
CA GLU C 147 31.63 -18.04 10.77
C GLU C 147 32.40 -17.25 9.72
N LEU C 148 32.32 -15.93 9.77
CA LEU C 148 32.95 -15.11 8.76
C LEU C 148 34.36 -14.64 9.11
N GLN C 149 34.83 -14.94 10.31
CA GLN C 149 36.04 -14.32 10.84
CA GLN C 149 36.03 -14.27 10.79
C GLN C 149 37.33 -14.58 10.04
N ASP C 150 37.41 -15.72 9.38
CA ASP C 150 38.62 -15.99 8.60
C ASP C 150 38.68 -15.15 7.32
N LYS C 151 37.59 -14.44 7.00
CA LYS C 151 37.56 -13.61 5.79
C LYS C 151 37.48 -12.11 6.09
N VAL C 152 37.59 -11.75 7.36
CA VAL C 152 37.53 -10.35 7.75
C VAL C 152 38.88 -9.89 8.31
N PRO C 153 39.58 -9.01 7.57
CA PRO C 153 40.88 -8.50 8.03
C PRO C 153 40.76 -7.66 9.31
N GLN C 154 41.87 -7.54 10.04
CA GLN C 154 41.89 -6.77 11.28
C GLN C 154 42.03 -5.28 10.96
N LEU C 155 41.02 -4.50 11.30
CA LEU C 155 41.05 -3.05 11.06
C LEU C 155 41.67 -2.34 12.26
N PRO C 156 42.38 -1.23 12.01
CA PRO C 156 42.87 -0.44 13.15
C PRO C 156 41.68 0.08 13.95
N GLY C 157 41.75 -0.09 15.26
CA GLY C 157 40.67 0.28 16.15
C GLY C 157 39.65 -0.82 16.42
N PHE C 158 39.80 -1.97 15.76
CA PHE C 158 38.83 -3.05 15.85
C PHE C 158 39.33 -4.28 16.64
N SER C 159 40.50 -4.18 17.26
CA SER C 159 41.09 -5.37 17.89
C SER C 159 40.30 -5.90 19.09
N TRP C 160 39.53 -5.02 19.73
CA TRP C 160 38.74 -5.39 20.90
C TRP C 160 37.56 -6.28 20.54
N ILE C 161 37.23 -6.32 19.25
CA ILE C 161 36.05 -7.04 18.81
C ILE C 161 36.29 -8.53 18.69
N LYS C 162 35.44 -9.29 19.37
CA LYS C 162 35.35 -10.73 19.14
C LYS C 162 33.98 -10.97 18.57
N PRO C 163 33.89 -11.71 17.45
CA PRO C 163 32.58 -12.13 16.96
C PRO C 163 31.87 -12.93 18.06
N CYS C 164 30.59 -12.68 18.27
CA CYS C 164 29.88 -13.35 19.36
C CYS C 164 28.54 -13.92 18.90
N ILE C 165 28.32 -13.94 17.59
CA ILE C 165 27.06 -14.40 17.03
C ILE C 165 27.28 -15.45 15.94
N SER C 166 26.52 -16.54 15.99
CA SER C 166 26.56 -17.51 14.89
CA SER C 166 26.54 -17.53 14.91
C SER C 166 25.65 -17.05 13.77
N SER C 167 25.99 -17.44 12.54
CA SER C 167 25.21 -17.08 11.37
C SER C 167 23.77 -17.56 11.45
N ALA C 168 23.52 -18.59 12.27
CA ALA C 168 22.17 -19.12 12.43
C ALA C 168 21.34 -18.29 13.39
N SER C 169 21.96 -17.28 14.01
CA SER C 169 21.31 -16.50 15.06
C SER C 169 20.92 -15.09 14.62
N ILE C 170 20.99 -14.84 13.32
CA ILE C 170 20.50 -13.56 12.77
C ILE C 170 19.52 -13.83 11.63
N VAL C 171 18.38 -13.12 11.66
CA VAL C 171 17.42 -13.17 10.54
C VAL C 171 17.20 -11.75 10.05
N TYR C 172 17.26 -11.58 8.72
CA TYR C 172 16.99 -10.28 8.10
C TYR C 172 15.54 -10.19 7.67
N ILE C 173 14.97 -8.99 7.78
CA ILE C 173 13.65 -8.70 7.21
C ILE C 173 13.70 -7.38 6.47
N GLY C 174 13.28 -7.39 5.21
CA GLY C 174 13.14 -6.19 4.44
C GLY C 174 14.07 -5.96 3.24
N LEU C 175 14.98 -6.90 3.04
CA LEU C 175 16.02 -6.72 2.05
C LEU C 175 15.63 -6.51 0.60
N ARG C 176 16.18 -5.48 0.01
CA ARG C 176 15.94 -5.17 -1.36
C ARG C 176 17.10 -4.54 -2.13
N ASP C 177 18.17 -4.22 -1.44
CA ASP C 177 19.36 -3.67 -2.10
C ASP C 177 20.59 -4.36 -1.52
N VAL C 178 21.03 -5.41 -2.19
CA VAL C 178 22.07 -6.28 -1.68
C VAL C 178 23.19 -6.34 -2.73
N ASP C 179 24.42 -6.11 -2.31
CA ASP C 179 25.53 -6.14 -3.26
C ASP C 179 25.85 -7.58 -3.60
N PRO C 180 26.38 -7.83 -4.81
CA PRO C 180 26.64 -9.23 -5.18
C PRO C 180 27.49 -10.04 -4.18
N PRO C 181 28.54 -9.44 -3.60
CA PRO C 181 29.26 -10.30 -2.65
C PRO C 181 28.52 -10.54 -1.35
N GLU C 182 27.59 -9.64 -0.99
CA GLU C 182 26.73 -9.91 0.15
C GLU C 182 25.80 -11.07 -0.14
N HIS C 183 25.25 -11.11 -1.37
CA HIS C 183 24.38 -12.22 -1.76
C HIS C 183 25.16 -13.53 -1.64
N PHE C 184 26.42 -13.50 -2.07
CA PHE C 184 27.26 -14.70 -2.00
C PHE C 184 27.44 -15.10 -0.55
N ILE C 185 27.70 -14.12 0.32
CA ILE C 185 27.86 -14.41 1.73
C ILE C 185 26.60 -15.01 2.34
N LEU C 186 25.44 -14.41 2.06
CA LEU C 186 24.19 -14.90 2.64
C LEU C 186 23.93 -16.35 2.24
N LYS C 187 24.16 -16.66 0.97
CA LYS C 187 23.93 -18.01 0.47
C LYS C 187 24.97 -18.99 1.01
N ASN C 188 26.24 -18.62 0.90
CA ASN C 188 27.34 -19.52 1.29
C ASN C 188 27.28 -19.92 2.77
N TYR C 189 26.83 -19.00 3.61
CA TYR C 189 26.77 -19.26 5.04
C TYR C 189 25.35 -19.59 5.54
N ASP C 190 24.42 -19.74 4.60
CA ASP C 190 23.05 -20.13 4.90
C ASP C 190 22.41 -19.20 5.92
N ILE C 191 22.62 -17.91 5.74
CA ILE C 191 22.01 -16.92 6.60
C ILE C 191 20.59 -16.66 6.12
N GLN C 192 19.65 -16.72 7.06
CA GLN C 192 18.24 -16.64 6.71
C GLN C 192 17.76 -15.20 6.56
N TYR C 193 17.02 -14.95 5.49
CA TYR C 193 16.48 -13.62 5.27
C TYR C 193 15.12 -13.67 4.61
N PHE C 194 14.31 -12.65 4.91
CA PHE C 194 13.03 -12.45 4.25
C PHE C 194 13.11 -11.13 3.53
N SER C 195 13.35 -11.19 2.23
CA SER C 195 13.45 -10.00 1.39
C SER C 195 12.06 -9.41 1.18
N MET C 196 12.00 -8.24 0.54
CA MET C 196 10.69 -7.68 0.21
C MET C 196 9.87 -8.64 -0.63
N ARG C 197 10.55 -9.37 -1.53
CA ARG C 197 9.87 -10.37 -2.35
C ARG C 197 9.27 -11.47 -1.48
N ASP C 198 10.01 -11.93 -0.46
CA ASP C 198 9.46 -12.91 0.47
C ASP C 198 8.25 -12.37 1.23
N ILE C 199 8.28 -11.09 1.58
CA ILE C 199 7.12 -10.50 2.24
C ILE C 199 5.92 -10.40 1.29
N ASP C 200 6.16 -10.04 0.03
CA ASP C 200 5.11 -10.01 -0.98
C ASP C 200 4.43 -11.37 -1.11
N ARG C 201 5.23 -12.43 -0.98
CA ARG C 201 4.73 -13.82 -1.13
C ARG C 201 4.01 -14.33 0.11
N LEU C 202 4.67 -14.21 1.26
CA LEU C 202 4.21 -14.82 2.51
C LEU C 202 3.25 -13.95 3.30
N GLY C 203 3.42 -12.63 3.21
CA GLY C 203 2.74 -11.71 4.12
C GLY C 203 3.53 -11.59 5.40
N ILE C 204 3.46 -10.41 6.01
CA ILE C 204 4.27 -10.12 7.18
C ILE C 204 3.96 -11.05 8.37
N GLN C 205 2.70 -11.51 8.51
CA GLN C 205 2.40 -12.42 9.62
C GLN C 205 3.26 -13.68 9.55
N LYS C 206 3.25 -14.32 8.39
CA LYS C 206 4.02 -15.55 8.21
C LYS C 206 5.53 -15.29 8.30
N VAL C 207 5.98 -14.15 7.80
CA VAL C 207 7.40 -13.78 7.96
C VAL C 207 7.82 -13.73 9.43
N MET C 208 7.00 -13.12 10.29
CA MET C 208 7.36 -13.05 11.70
C MET C 208 7.30 -14.43 12.35
N GLU C 209 6.29 -15.22 12.02
CA GLU C 209 6.20 -16.58 12.55
C GLU C 209 7.44 -17.40 12.23
N ARG C 210 7.87 -17.32 10.98
CA ARG C 210 9.03 -18.10 10.54
C ARG C 210 10.31 -17.57 11.17
N THR C 211 10.41 -16.25 11.29
CA THR C 211 11.56 -15.64 11.94
C THR C 211 11.74 -16.17 13.35
N PHE C 212 10.66 -16.19 14.13
CA PHE C 212 10.76 -16.66 15.50
C PHE C 212 10.96 -18.16 15.59
N ASP C 213 10.42 -18.92 14.65
CA ASP C 213 10.70 -20.36 14.64
CA ASP C 213 10.69 -20.36 14.60
C ASP C 213 12.19 -20.62 14.44
N LEU C 214 12.82 -19.87 13.54
CA LEU C 214 14.25 -19.98 13.29
C LEU C 214 15.09 -19.62 14.51
N LEU C 215 14.70 -18.59 15.23
CA LEU C 215 15.56 -18.06 16.29
C LEU C 215 15.23 -18.61 17.67
N ILE C 216 13.94 -18.68 18.01
CA ILE C 216 13.54 -19.07 19.35
C ILE C 216 12.55 -20.23 19.33
N GLY C 217 12.57 -21.00 18.25
CA GLY C 217 11.68 -22.14 18.11
C GLY C 217 11.97 -23.27 19.09
N LYS C 218 13.20 -23.34 19.58
CA LYS C 218 13.59 -24.41 20.49
C LYS C 218 13.87 -23.96 21.92
N ARG C 219 14.19 -22.69 22.09
CA ARG C 219 14.46 -22.15 23.43
C ARG C 219 14.27 -20.65 23.45
N GLN C 220 13.94 -20.13 24.63
CA GLN C 220 13.83 -18.69 24.82
C GLN C 220 15.22 -18.07 24.76
N ARG C 221 15.35 -16.95 24.04
CA ARG C 221 16.63 -16.23 23.94
C ARG C 221 16.34 -14.74 23.98
N PRO C 222 17.27 -13.95 24.54
CA PRO C 222 17.09 -12.49 24.44
C PRO C 222 17.17 -12.03 22.99
N ILE C 223 16.30 -11.10 22.61
CA ILE C 223 16.25 -10.62 21.24
C ILE C 223 16.89 -9.22 21.13
N HIS C 224 17.73 -9.07 20.12
CA HIS C 224 18.28 -7.78 19.75
C HIS C 224 17.65 -7.37 18.44
N LEU C 225 16.83 -6.32 18.46
CA LEU C 225 16.22 -5.82 17.23
C LEU C 225 17.04 -4.64 16.70
N SER C 226 17.69 -4.81 15.55
CA SER C 226 18.44 -3.72 14.93
C SER C 226 17.64 -3.22 13.74
N PHE C 227 17.07 -2.03 13.88
CA PHE C 227 16.09 -1.53 12.94
C PHE C 227 16.63 -0.29 12.22
N ASP C 228 16.93 -0.44 10.93
CA ASP C 228 17.37 0.66 10.07
C ASP C 228 16.10 1.29 9.50
N ILE C 229 15.91 2.59 9.73
CA ILE C 229 14.70 3.26 9.27
C ILE C 229 14.49 3.11 7.76
N ASP C 230 15.57 2.87 7.02
CA ASP C 230 15.47 2.72 5.56
C ASP C 230 14.81 1.41 5.13
N ALA C 231 14.48 0.56 6.10
CA ALA C 231 13.64 -0.61 5.80
C ALA C 231 12.28 -0.14 5.27
N PHE C 232 11.78 0.97 5.79
CA PHE C 232 10.50 1.52 5.32
C PHE C 232 10.62 2.13 3.93
N ASP C 233 9.52 2.15 3.19
CA ASP C 233 9.53 2.83 1.90
C ASP C 233 9.96 4.29 2.08
N PRO C 234 10.73 4.82 1.11
CA PRO C 234 11.14 6.22 1.20
C PRO C 234 9.98 7.22 1.26
N THR C 235 8.79 6.87 0.79
CA THR C 235 7.66 7.78 0.95
C THR C 235 7.30 7.97 2.43
N LEU C 236 7.60 6.97 3.24
CA LEU C 236 7.32 7.02 4.67
C LEU C 236 8.51 7.51 5.50
N ALA C 237 9.71 7.17 5.04
CA ALA C 237 10.92 7.53 5.78
C ALA C 237 11.93 8.19 4.84
N PRO C 238 11.63 9.41 4.38
CA PRO C 238 12.50 10.04 3.40
C PRO C 238 13.83 10.53 3.98
N ALA C 239 13.86 10.84 5.27
CA ALA C 239 15.05 11.44 5.87
C ALA C 239 16.05 10.36 6.29
N THR C 240 16.75 9.83 5.30
CA THR C 240 17.72 8.75 5.53
C THR C 240 18.70 8.72 4.36
N GLY C 241 19.90 8.21 4.59
CA GLY C 241 21.00 8.35 3.65
C GLY C 241 21.00 7.46 2.42
N THR C 242 20.42 6.27 2.57
CA THR C 242 20.38 5.31 1.47
CA THR C 242 20.39 5.32 1.46
C THR C 242 18.96 4.78 1.23
N PRO C 243 18.05 5.65 0.79
CA PRO C 243 16.67 5.21 0.54
C PRO C 243 16.59 4.27 -0.67
N VAL C 244 15.74 3.26 -0.58
CA VAL C 244 15.53 2.34 -1.70
C VAL C 244 14.03 2.15 -1.89
N VAL C 245 13.55 2.38 -3.10
CA VAL C 245 12.11 2.26 -3.36
C VAL C 245 11.57 0.84 -3.10
N GLY C 246 10.29 0.74 -2.75
CA GLY C 246 9.63 -0.54 -2.58
C GLY C 246 9.80 -1.17 -1.21
N GLY C 247 9.72 -0.36 -0.16
CA GLY C 247 9.96 -0.84 1.20
C GLY C 247 8.74 -1.26 1.98
N LEU C 248 8.94 -1.51 3.27
CA LEU C 248 7.85 -1.85 4.18
C LEU C 248 6.82 -0.74 4.19
N THR C 249 5.56 -1.14 4.32
CA THR C 249 4.50 -0.17 4.58
C THR C 249 4.53 0.18 6.07
N TYR C 250 3.82 1.24 6.41
CA TYR C 250 3.67 1.62 7.81
C TYR C 250 3.11 0.45 8.62
N ARG C 251 2.05 -0.17 8.10
CA ARG C 251 1.44 -1.28 8.81
C ARG C 251 2.36 -2.49 8.99
N GLU C 252 3.16 -2.80 7.98
CA GLU C 252 4.12 -3.90 8.09
C GLU C 252 5.14 -3.62 9.18
N GLY C 253 5.64 -2.40 9.25
CA GLY C 253 6.62 -2.05 10.27
C GLY C 253 6.03 -2.14 11.66
N MET C 254 4.80 -1.67 11.83
CA MET C 254 4.14 -1.81 13.13
C MET C 254 3.95 -3.28 13.50
N TYR C 255 3.60 -4.09 12.51
CA TYR C 255 3.37 -5.50 12.78
C TYR C 255 4.65 -6.19 13.26
N ILE C 256 5.76 -5.90 12.60
CA ILE C 256 7.06 -6.40 13.02
C ILE C 256 7.32 -6.07 14.49
N ALA C 257 7.17 -4.80 14.84
CA ALA C 257 7.45 -4.33 16.18
C ALA C 257 6.50 -4.97 17.21
N GLU C 258 5.22 -5.07 16.84
CA GLU C 258 4.24 -5.73 17.71
C GLU C 258 4.62 -7.17 17.99
N GLU C 259 5.09 -7.87 16.97
CA GLU C 259 5.48 -9.26 17.17
C GLU C 259 6.73 -9.39 18.03
N ILE C 260 7.68 -8.47 17.84
CA ILE C 260 8.84 -8.40 18.73
C ILE C 260 8.38 -8.21 20.18
N HIS C 261 7.46 -7.28 20.42
CA HIS C 261 6.94 -7.10 21.77
C HIS C 261 6.26 -8.36 22.30
N ASN C 262 5.49 -9.01 21.44
CA ASN C 262 4.68 -10.16 21.86
C ASN C 262 5.50 -11.37 22.28
N THR C 263 6.78 -11.43 21.87
CA THR C 263 7.65 -12.51 22.31
C THR C 263 7.96 -12.40 23.79
N GLY C 264 7.92 -11.19 24.33
CA GLY C 264 8.33 -10.94 25.71
C GLY C 264 9.84 -10.97 25.91
N LEU C 265 10.59 -11.07 24.82
CA LEU C 265 12.02 -11.32 24.91
C LEU C 265 12.93 -10.19 24.43
N LEU C 266 12.34 -9.05 24.08
CA LEU C 266 13.15 -7.94 23.60
C LEU C 266 14.09 -7.44 24.69
N SER C 267 15.38 -7.39 24.37
CA SER C 267 16.42 -7.04 25.33
C SER C 267 17.20 -5.80 24.93
N ALA C 268 17.35 -5.55 23.64
CA ALA C 268 17.96 -4.32 23.14
C ALA C 268 17.39 -4.01 21.76
N LEU C 269 17.30 -2.72 21.45
CA LEU C 269 16.81 -2.27 20.16
C LEU C 269 17.67 -1.12 19.67
N ASP C 270 18.05 -1.16 18.39
CA ASP C 270 18.70 -0.04 17.72
C ASP C 270 17.70 0.58 16.74
N LEU C 271 17.63 1.90 16.74
CA LEU C 271 16.86 2.61 15.72
C LEU C 271 17.80 3.57 15.03
N VAL C 272 18.25 3.18 13.83
CA VAL C 272 19.35 3.88 13.19
C VAL C 272 18.99 4.53 11.85
N GLU C 273 19.90 5.41 11.42
CA GLU C 273 19.90 6.03 10.10
C GLU C 273 18.85 7.11 9.84
N VAL C 274 18.22 7.62 10.90
CA VAL C 274 17.40 8.82 10.73
C VAL C 274 18.35 10.02 10.54
N ASN C 275 18.27 10.67 9.38
CA ASN C 275 19.11 11.85 9.10
C ASN C 275 18.21 13.01 8.72
N PRO C 276 17.88 13.85 9.70
CA PRO C 276 16.91 14.92 9.48
C PRO C 276 17.38 15.93 8.43
N GLN C 277 18.69 16.05 8.23
CA GLN C 277 19.21 17.01 7.25
C GLN C 277 18.95 16.60 5.80
N LEU C 278 18.59 15.36 5.57
CA LEU C 278 18.36 14.91 4.19
C LEU C 278 16.91 15.09 3.77
N ALA C 279 16.07 15.50 4.71
CA ALA C 279 14.69 15.82 4.41
C ALA C 279 14.68 17.06 3.51
N THR C 280 13.74 17.14 2.58
CA THR C 280 13.66 18.33 1.74
C THR C 280 12.70 19.35 2.32
N SER C 281 12.09 18.99 3.45
CA SER C 281 11.21 19.89 4.19
C SER C 281 11.18 19.46 5.63
N GLU C 282 10.78 20.36 6.53
CA GLU C 282 10.70 20.03 7.94
C GLU C 282 9.66 18.94 8.19
N GLU C 283 8.59 18.93 7.38
CA GLU C 283 7.60 17.87 7.45
C GLU C 283 8.19 16.50 7.17
N GLU C 284 9.01 16.40 6.13
CA GLU C 284 9.68 15.14 5.80
C GLU C 284 10.56 14.67 6.96
N ALA C 285 11.27 15.60 7.58
CA ALA C 285 12.12 15.25 8.72
C ALA C 285 11.27 14.78 9.88
N LYS C 286 10.21 15.53 10.18
CA LYS C 286 9.37 15.20 11.31
C LYS C 286 8.63 13.88 11.13
N THR C 287 8.15 13.59 9.93
CA THR C 287 7.43 12.33 9.75
CA THR C 287 7.44 12.32 9.73
C THR C 287 8.38 11.14 9.92
N THR C 288 9.63 11.29 9.51
CA THR C 288 10.60 10.20 9.64
C THR C 288 10.88 9.93 11.13
N ALA C 289 11.08 11.02 11.89
CA ALA C 289 11.27 10.89 13.33
C ALA C 289 10.04 10.32 14.06
N ASN C 290 8.85 10.76 13.64
CA ASN C 290 7.61 10.24 14.22
C ASN C 290 7.47 8.74 13.99
N LEU C 291 7.87 8.31 12.79
CA LEU C 291 7.85 6.90 12.43
C LEU C 291 8.81 6.10 13.32
N ALA C 292 10.01 6.65 13.52
CA ALA C 292 10.97 6.02 14.41
C ALA C 292 10.38 5.82 15.80
N VAL C 293 9.71 6.86 16.32
CA VAL C 293 9.09 6.74 17.64
C VAL C 293 8.01 5.66 17.64
N ASP C 294 7.19 5.61 16.59
CA ASP C 294 6.17 4.56 16.48
C ASP C 294 6.77 3.15 16.53
N VAL C 295 7.87 2.94 15.83
CA VAL C 295 8.54 1.63 15.87
C VAL C 295 9.00 1.28 17.27
N ILE C 296 9.65 2.22 17.94
CA ILE C 296 10.16 1.93 19.27
C ILE C 296 9.02 1.70 20.27
N ALA C 297 8.00 2.55 20.20
CA ALA C 297 6.86 2.40 21.12
C ALA C 297 6.14 1.07 20.90
N SER C 298 5.98 0.67 19.64
CA SER C 298 5.33 -0.59 19.33
CA SER C 298 5.32 -0.60 19.34
C SER C 298 6.18 -1.77 19.82
N SER C 299 7.49 -1.63 19.71
CA SER C 299 8.37 -2.70 20.16
C SER C 299 8.30 -2.93 21.68
N PHE C 300 7.83 -1.92 22.41
CA PHE C 300 7.68 -1.99 23.86
C PHE C 300 6.23 -2.04 24.32
N GLY C 301 5.31 -2.27 23.40
CA GLY C 301 3.97 -2.65 23.78
C GLY C 301 2.83 -1.79 23.30
N GLN C 302 3.11 -0.72 22.56
CA GLN C 302 1.99 0.08 22.08
C GLN C 302 1.20 -0.74 21.07
N THR C 303 -0.12 -0.73 21.22
CA THR C 303 -0.98 -1.53 20.36
C THR C 303 -1.85 -0.64 19.50
N ARG C 304 -2.50 -1.27 18.54
CA ARG C 304 -3.43 -0.57 17.67
C ARG C 304 -4.87 -0.95 17.99
N GLU C 305 -5.10 -1.56 19.15
CA GLU C 305 -6.47 -1.83 19.57
C GLU C 305 -6.80 -1.34 20.97
N GLY C 306 -5.93 -0.52 21.54
CA GLY C 306 -6.22 0.04 22.85
C GLY C 306 -5.91 -0.91 23.98
MN MN D . -16.70 7.37 13.82
MN MN E . -13.36 7.68 13.36
C1 BEN F . -16.69 15.96 36.02
C2 BEN F . -15.85 15.00 36.54
C3 BEN F . -16.37 14.01 37.37
C4 BEN F . -17.73 14.02 37.67
C5 BEN F . -18.58 14.99 37.14
C6 BEN F . -18.06 15.96 36.31
C BEN F . -16.11 17.00 35.13
N1 BEN F . -16.83 17.52 34.16
N2 BEN F . -14.86 17.41 35.35
C1 BME G . -28.08 -0.78 -8.04
C2 BME G . -29.46 -0.25 -7.70
O1 BME G . -27.67 -1.72 -7.03
S2 BME G . -29.36 0.82 -6.24
C1 BME H . -35.46 -4.02 5.18
C2 BME H . -35.95 -4.91 6.32
O1 BME H . -36.58 -3.64 4.35
S2 BME H . -36.99 -3.95 7.44
O20 X7A I . -13.50 11.52 21.40
C18 X7A I . -13.41 10.28 21.48
O21 X7A I . -14.13 9.60 22.24
C1 X7A I . -12.38 9.55 20.64
N2 X7A I . -12.22 8.19 21.16
C3 X7A I . -12.90 9.34 19.20
C4 X7A I . -13.14 10.56 18.34
C5 X7A I . -13.44 10.14 16.89
C6 X7A I . -14.94 9.89 16.67
B7 X7A I . -15.28 9.33 15.24
O8 X7A I . -14.51 10.22 14.23
O9 X7A I . -16.71 9.41 14.79
O19 X7A I . -14.75 7.98 14.90
C10 X7A I . -11.04 10.27 20.73
C11 X7A I . -10.40 10.16 22.12
N12 X7A I . -9.03 10.74 22.16
C13 X7A I . -8.15 9.94 21.29
C13 X7A I . -8.48 10.50 23.51
C14 X7A I . -6.77 10.57 21.25
C14 X7A I . -7.08 11.06 23.64
C15 X7A I . -6.16 10.62 22.64
C15 X7A I . -7.07 12.54 23.29
C16 X7A I . -7.12 11.34 23.58
C16 X7A I . -7.74 12.78 21.94
C17 X7A I . -8.51 10.69 23.54
C17 X7A I . -9.14 12.18 21.93
MN MN J . -3.72 -0.67 -22.61
MN MN K . -4.74 0.95 -19.83
C1 BEN L . -22.22 5.80 -35.92
C2 BEN L . -23.17 5.23 -35.09
C3 BEN L . -23.82 4.07 -35.50
C4 BEN L . -23.50 3.50 -36.73
C5 BEN L . -22.55 4.07 -37.57
C6 BEN L . -21.91 5.23 -37.16
C BEN L . -21.54 7.06 -35.48
N1 BEN L . -22.24 7.94 -34.76
N2 BEN L . -20.28 7.32 -35.82
C1 BME M . 19.88 -10.93 -18.45
C2 BME M . 20.26 -10.99 -19.93
O1 BME M . 18.68 -11.69 -18.26
S2 BME M . 19.04 -10.13 -20.95
C1 BME N . 10.58 -18.02 -29.29
C2 BME N . 11.37 -17.99 -30.59
O1 BME N . 10.18 -19.38 -28.99
S2 BME N . 10.21 -18.02 -31.98
O20 X7A O . -11.39 3.88 -25.06
C18 X7A O . -11.66 2.77 -24.56
O21 X7A O . -12.09 1.83 -25.26
C1 X7A O . -11.47 2.54 -23.08
N2 X7A O . -12.12 1.29 -22.70
C3 X7A O . -10.00 2.27 -22.74
C4 X7A O . -8.95 3.34 -23.03
C5 X7A O . -7.60 2.90 -22.45
C6 X7A O . -6.72 2.12 -23.45
B7 X7A O . -5.39 1.53 -22.84
O8 X7A O . -4.69 2.72 -22.14
O9 X7A O . -4.31 1.12 -23.82
O19 X7A O . -5.48 0.54 -21.72
C10 X7A O . -12.07 3.71 -22.27
C11 X7A O . -13.60 3.77 -22.40
N12 X7A O . -14.23 4.81 -21.55
C13 X7A O . -13.97 4.56 -20.12
C13 X7A O . -15.68 4.79 -21.78
C14 X7A O . -14.51 5.71 -19.30
C14 X7A O . -16.38 5.77 -20.85
C15 X7A O . -16.01 5.88 -19.51
C15 X7A O . -15.82 7.18 -21.04
C16 X7A O . -16.33 5.96 -21.01
C16 X7A O . -14.30 7.17 -20.94
C17 X7A O . -15.69 4.80 -21.77
C17 X7A O . -13.72 6.14 -21.90
MN MN P . 19.86 0.25 5.18
MN MN Q . 21.59 -0.69 7.92
C1 BEN R . 42.76 -0.82 -3.08
C2 BEN R . 42.52 -1.77 -4.07
C3 BEN R . 43.05 -3.04 -3.95
C4 BEN R . 43.84 -3.35 -2.84
C5 BEN R . 44.09 -2.40 -1.86
C6 BEN R . 43.54 -1.12 -1.98
C BEN R . 42.19 0.56 -3.24
N1 BEN R . 42.04 1.04 -4.48
N2 BEN R . 41.85 1.27 -2.18
C1 BME S . 6.01 -1.51 28.78
C2 BME S . 7.12 -1.35 29.82
O1 BME S . 6.36 -2.57 27.89
S2 BME S . 8.67 -0.88 29.01
C1 BME T . 19.83 -11.71 29.14
C2 BME T . 21.30 -11.49 29.36
O1 BME T . 19.20 -10.48 28.78
S2 BME T . 21.92 -10.40 28.04
O20 X7A U . 27.82 0.77 1.21
C18 X7A U . 27.36 -0.39 1.19
O21 X7A U . 28.04 -1.39 1.53
C1 X7A U . 25.95 -0.63 0.72
N2 X7A U . 25.80 -2.06 0.45
C3 X7A U . 24.92 -0.38 1.83
C4 X7A U . 24.87 0.99 2.48
C5 X7A U . 23.67 1.07 3.44
C6 X7A U . 24.10 0.82 4.88
B7 X7A U . 22.88 0.72 5.90
O8 X7A U . 22.05 2.01 5.64
O9 X7A U . 23.18 0.78 7.37
O19 X7A U . 21.86 -0.32 5.60
C10 X7A U . 25.69 0.17 -0.56
C11 X7A U . 26.60 -0.26 -1.72
N12 X7A U . 26.27 0.38 -3.02
C13 X7A U . 24.85 0.17 -3.36
C13 X7A U . 27.08 -0.18 -4.10
C14 X7A U . 24.54 0.90 -4.66
C14 X7A U . 26.58 0.35 -5.45
C15 X7A U . 25.40 0.36 -5.79
C15 X7A U . 26.58 1.88 -5.47
C16 X7A U . 26.88 0.44 -5.40
C16 X7A U . 25.93 2.46 -4.21
C17 X7A U . 27.12 -0.22 -4.05
C17 X7A U . 26.52 1.83 -2.95
#